data_9IPV
#
_entry.id   9IPV
#
loop_
_entity.id
_entity.type
_entity.pdbx_description
1 polymer 'Guanine nucleotide-binding protein G(i) subunit alpha-1'
2 polymer 'Guanine nucleotide-binding protein G(I)/G(S)/G(T) subunit beta-1'
3 polymer 'Guanine nucleotide-binding protein G(I)/G(S)/G(O) subunit gamma-2'
4 polymer 'C3a anaphylatoxin chemotactic receptor'
5 polymer scfv16
6 non-polymer '(2~{S})-5-[bis(azanyl)methylideneamino]-2-[[5-[bis(4-chlorophenyl)methyl]-3-methyl-thiophen-2-yl]carbonylamino]pentanoic acid'
#
loop_
_entity_poly.entity_id
_entity_poly.type
_entity_poly.pdbx_seq_one_letter_code
_entity_poly.pdbx_strand_id
1 'polypeptide(L)'
;MGCTLSAEDKAAVERSKMIDRNLREDGEKAAREVKLLLLGAGESGKSTIVKQMKIIHEAGYSEEECKQYKAVVYSNTIQS
IIAIIRAMGRLKIDFGDSARADDARQLFVLAGAAEEGFMTAELAGVIKRLWKDSGVQACFNRSREYQLNDSAAYYLNDLD
RIAQPNYIPTQQDVLRTRVKTTGIVETHFTFKDLHFKMFDVGGQRSERKKWIHCFEGVTAIIFCVALSDYDLVLAEDEEM
NRMHESMKLFDSICNNKWFTDTSIILFLNKKDLFEEKIKKSPLTICYPEYAGSNTYEEAAAYIQCQFEDLNKRKDTKEIY
THFTCATDTKNVQFVFDAVTDVIIKNNLKDCGLF
;
A
2 'polypeptide(L)'
;GPGSSGSELDQLRQEAEQLKNQIRDARKACADATLSQITNNIDPVGRIQMRTRRTLRGHLAKIYAMHWGTDSRLLVSASQ
DGKLIIWDSYTTNKVHAIPLRSSWVMTCAYAPSGNYVACGGLDNICSIYNLKTREGNVRVSRELAGHTGYLSCCRFLDDN
QIVTSSGDTTCALWDIETGQQTTTFTGHTGDVMSLSLAPDTRLFVSGACDASAKLWDVREGMCRQTFTGHESDINAICFF
PNGNAFATGSDDATCRLFDLRADQELMTYSHDNIICGITSVSFSKSGRLLLAGYDDFNCNVWDALKADRAGVLAGHDNRV
SCLGVTDDGMAVATGSWDSFLKIWN
;
B
3 'polypeptide(L)' MASNNTASIAQARKLVEQLKMEANIDRIKVSKAAADLMAYCEAHAKEDPLLTPVPASENPFREKKFFCAIL G
4 'polypeptide(L)'
;DYKDDDDASIDMASFSAETNSTDLLSQPWNEPPVILSMVILSLTFLLGLPGNGLVLWVAGLKMQRTVNTIWFLHLTLADL
LCCLSLPFSLAHLALQGQWPYGRFLCKLIPSIIVLNMFASVFLLTAISLDRCLVVFKPIWCQNHRNVGMACSICGCIWVV
AFVMCIPVFVYREIFTTDNHNRCGYKFGLSSSLDYPDFYGDPLENRSLENIVQPPGEMNDRLDPSSFQTNDHPWTVPTVF
QPQTFQRPSADSLPRGSARLTSQNLYSNVFKPADVVSPKIPSGFPIEDHETSPLDNSDAFLSTHLKLFPSASSNSFYESE
LPQGFQDYYNLGQFTDDDQVPTPLVAITITRLVVGFLLPSVIMIACYSFIVFRMQRGRFAKSQSKTFRVAVVVVAVFLVC
WTPYHIFGVLSLLTDPETPLGKTLMSWDHVCIALASANSCFNPFLYALLGKDFRKKARQSIQGILEAAFSEELTRSTHCP
SNNVISERNSTTVASLEVLFQ
;
R
5 'polypeptide(L)'
;DVQLVESGGGLVQPGGSRKLSCSASGFAFSSFGMHWVRQAPEKGLEWVAYISSGSGTIYYADTVKGRFTISRDDPKNTLF
LQMTSLRSEDTAMYYCVRSIYYYGSSPFDFWGQGTTLTVSSGGGGSGGGGSGGGGSDIVMTQATSSVPVTPGESVSISCR
SSKSLLHSNGNTYLYWFLQRPGQSPQLLIYRMSNLASGVPDRFSGSGSGTAFTLTISRLEAEDVGVYYCMQHLEYPLTFG
AGTKLELKAAAHHHHHHHH
;
S
#
loop_
_chem_comp.id
_chem_comp.type
_chem_comp.name
_chem_comp.formula
A1D9A non-polymer '(2~{S})-5-[bis(azanyl)methylideneamino]-2-[[5-[bis(4-chlorophenyl)methyl]-3-methyl-thiophen-2-yl]carbonylamino]pentanoic acid' 'C25 H26 Cl2 N4 O3 S'
#
# COMPACT_ATOMS: atom_id res chain seq x y z
N LEU A 5 11.28 24.57 -1.32
CA LEU A 5 9.86 24.32 -1.54
C LEU A 5 9.05 25.61 -1.58
N SER A 6 8.21 25.74 -2.60
CA SER A 6 7.31 26.87 -2.71
C SER A 6 6.10 26.68 -1.79
N ALA A 7 5.27 27.72 -1.71
CA ALA A 7 4.09 27.66 -0.87
C ALA A 7 3.14 26.56 -1.34
N GLU A 8 2.95 26.45 -2.65
CA GLU A 8 2.06 25.43 -3.19
C GLU A 8 2.66 24.03 -3.02
N ASP A 9 3.99 23.92 -3.12
CA ASP A 9 4.65 22.65 -2.83
C ASP A 9 4.43 22.23 -1.38
N LYS A 10 4.55 23.19 -0.45
CA LYS A 10 4.29 22.90 0.95
C LYS A 10 2.85 22.46 1.18
N ALA A 11 1.90 23.12 0.52
CA ALA A 11 0.50 22.76 0.68
C ALA A 11 0.21 21.36 0.11
N ALA A 12 0.82 21.01 -1.02
CA ALA A 12 0.65 19.66 -1.56
C ALA A 12 1.30 18.62 -0.66
N VAL A 13 2.43 18.95 -0.03
CA VAL A 13 3.05 18.03 0.93
C VAL A 13 2.12 17.80 2.12
N GLU A 14 1.49 18.88 2.60
CA GLU A 14 0.56 18.74 3.72
C GLU A 14 -0.65 17.90 3.34
N ARG A 15 -1.15 18.07 2.12
CA ARG A 15 -2.26 17.24 1.64
C ARG A 15 -1.85 15.76 1.57
N SER A 16 -0.65 15.48 1.09
CA SER A 16 -0.16 14.11 1.05
C SER A 16 -0.08 13.52 2.45
N LYS A 17 0.38 14.32 3.43
CA LYS A 17 0.44 13.85 4.81
C LYS A 17 -0.94 13.54 5.38
N MET A 18 -1.93 14.39 5.07
CA MET A 18 -3.29 14.13 5.51
C MET A 18 -3.83 12.83 4.91
N ILE A 19 -3.56 12.61 3.62
CA ILE A 19 -3.99 11.37 2.98
C ILE A 19 -3.33 10.17 3.64
N ASP A 20 -2.05 10.31 3.99
CA ASP A 20 -1.35 9.24 4.68
C ASP A 20 -2.00 8.89 6.01
N ARG A 21 -2.34 9.92 6.79
CA ARG A 21 -3.00 9.67 8.07
C ARG A 21 -4.33 8.96 7.88
N ASN A 22 -5.12 9.41 6.90
CA ASN A 22 -6.41 8.78 6.66
C ASN A 22 -6.25 7.32 6.22
N LEU A 23 -5.24 7.05 5.39
CA LEU A 23 -4.96 5.68 4.98
C LEU A 23 -4.62 4.79 6.18
N ARG A 24 -3.81 5.31 7.10
CA ARG A 24 -3.44 4.49 8.25
C ARG A 24 -4.62 4.24 9.19
N GLU A 25 -5.48 5.25 9.37
CA GLU A 25 -6.68 5.00 10.18
C GLU A 25 -7.61 4.00 9.52
N ASP A 26 -7.74 4.07 8.19
CA ASP A 26 -8.56 3.11 7.48
C ASP A 26 -8.00 1.70 7.59
N GLY A 27 -6.67 1.57 7.52
CA GLY A 27 -6.07 0.26 7.70
C GLY A 27 -6.27 -0.30 9.10
N GLU A 28 -6.16 0.57 10.11
CA GLU A 28 -6.44 0.13 11.48
C GLU A 28 -7.89 -0.32 11.62
N LYS A 29 -8.82 0.41 11.02
CA LYS A 29 -10.22 0.04 11.08
C LYS A 29 -10.49 -1.27 10.36
N ALA A 30 -9.83 -1.49 9.23
CA ALA A 30 -10.06 -2.70 8.45
C ALA A 30 -9.42 -3.93 9.07
N ALA A 31 -8.33 -3.74 9.83
CA ALA A 31 -7.68 -4.87 10.48
C ALA A 31 -8.51 -5.46 11.62
N ARG A 32 -9.61 -4.82 11.99
CA ARG A 32 -10.44 -5.27 13.09
C ARG A 32 -11.43 -6.36 12.71
N GLU A 33 -11.57 -6.66 11.42
CA GLU A 33 -12.56 -7.60 10.94
C GLU A 33 -11.94 -8.96 10.69
N VAL A 34 -12.61 -10.01 11.16
CA VAL A 34 -12.21 -11.38 10.87
C VAL A 34 -12.80 -11.76 9.52
N LYS A 35 -11.92 -12.04 8.56
CA LYS A 35 -12.32 -12.35 7.20
C LYS A 35 -12.28 -13.86 6.99
N LEU A 36 -13.40 -14.44 6.58
CA LEU A 36 -13.52 -15.86 6.37
C LEU A 36 -13.84 -16.15 4.91
N LEU A 37 -13.33 -17.25 4.39
CA LEU A 37 -13.59 -17.65 3.02
C LEU A 37 -14.46 -18.90 3.02
N LEU A 38 -15.62 -18.83 2.37
CA LEU A 38 -16.51 -19.97 2.25
C LEU A 38 -16.17 -20.83 1.05
N LEU A 39 -16.07 -22.14 1.28
CA LEU A 39 -15.76 -23.10 0.24
C LEU A 39 -16.61 -24.35 0.44
N GLY A 40 -16.72 -25.13 -0.63
CA GLY A 40 -17.49 -26.35 -0.60
C GLY A 40 -17.83 -26.82 -2.00
N ALA A 41 -17.85 -28.14 -2.20
CA ALA A 41 -18.13 -28.70 -3.50
C ALA A 41 -19.58 -28.42 -3.91
N GLY A 42 -19.93 -28.87 -5.10
CA GLY A 42 -21.28 -28.65 -5.61
C GLY A 42 -22.36 -29.23 -4.72
N GLU A 43 -23.37 -28.42 -4.42
CA GLU A 43 -24.50 -28.83 -3.58
C GLU A 43 -24.03 -29.34 -2.22
N SER A 44 -23.12 -28.59 -1.60
CA SER A 44 -22.57 -28.95 -0.30
C SER A 44 -23.33 -28.31 0.86
N GLY A 45 -24.36 -27.51 0.58
CA GLY A 45 -25.11 -26.88 1.64
C GLY A 45 -24.47 -25.64 2.25
N LYS A 46 -23.49 -25.04 1.58
CA LYS A 46 -22.89 -23.81 2.09
C LYS A 46 -23.87 -22.65 2.06
N SER A 47 -24.87 -22.69 1.18
CA SER A 47 -25.89 -21.66 1.18
C SER A 47 -26.73 -21.69 2.46
N THR A 48 -27.11 -22.89 2.91
CA THR A 48 -27.86 -22.99 4.16
C THR A 48 -26.99 -22.68 5.37
N ILE A 49 -25.67 -22.78 5.23
CA ILE A 49 -24.77 -22.32 6.29
C ILE A 49 -24.70 -20.81 6.31
N VAL A 50 -24.58 -20.18 5.15
CA VAL A 50 -24.47 -18.73 5.09
C VAL A 50 -25.78 -18.05 5.45
N LYS A 51 -26.92 -18.72 5.25
CA LYS A 51 -28.19 -18.16 5.71
C LYS A 51 -28.38 -18.32 7.21
N GLN A 52 -27.68 -19.28 7.81
CA GLN A 52 -27.78 -19.54 9.25
C GLN A 52 -27.05 -18.47 10.05
N ARG A 178 -24.92 -5.09 -4.70
CA ARG A 178 -24.02 -5.93 -3.93
C ARG A 178 -23.40 -7.01 -4.81
N VAL A 179 -24.27 -7.79 -5.46
CA VAL A 179 -23.81 -8.87 -6.34
C VAL A 179 -24.90 -9.24 -7.34
N LYS A 180 -24.51 -9.35 -8.61
CA LYS A 180 -25.40 -9.87 -9.66
C LYS A 180 -24.90 -11.20 -10.19
N THR A 181 -23.64 -11.25 -10.64
CA THR A 181 -22.98 -12.49 -10.99
C THR A 181 -21.54 -12.50 -10.47
N THR A 182 -21.23 -11.61 -9.53
CA THR A 182 -19.85 -11.36 -9.15
C THR A 182 -19.20 -12.59 -8.55
N GLY A 183 -19.95 -13.34 -7.75
CA GLY A 183 -19.33 -14.41 -6.99
C GLY A 183 -18.30 -13.92 -6.01
N ILE A 184 -18.52 -12.74 -5.44
CA ILE A 184 -17.67 -12.25 -4.36
C ILE A 184 -18.58 -11.80 -3.22
N VAL A 185 -19.73 -12.47 -3.08
CA VAL A 185 -20.77 -12.05 -2.14
C VAL A 185 -20.19 -11.92 -0.73
N GLU A 186 -20.27 -10.72 -0.18
CA GLU A 186 -19.73 -10.43 1.15
C GLU A 186 -20.88 -10.29 2.14
N THR A 187 -20.80 -11.03 3.24
CA THR A 187 -21.75 -10.95 4.34
C THR A 187 -21.02 -10.43 5.57
N HIS A 188 -21.40 -9.25 6.05
CA HIS A 188 -20.82 -8.67 7.25
C HIS A 188 -21.79 -8.83 8.40
N PHE A 189 -21.31 -9.38 9.52
CA PHE A 189 -22.13 -9.45 10.72
C PHE A 189 -21.23 -9.30 11.94
N THR A 190 -21.85 -9.36 13.12
CA THR A 190 -21.17 -9.17 14.39
C THR A 190 -21.70 -10.18 15.39
N PHE A 191 -20.79 -10.88 16.05
CA PHE A 191 -21.13 -11.83 17.10
C PHE A 191 -20.24 -11.59 18.30
N LYS A 192 -20.84 -11.25 19.44
CA LYS A 192 -20.14 -11.05 20.70
C LYS A 192 -18.97 -10.09 20.55
N ASP A 193 -19.25 -8.96 19.90
CA ASP A 193 -18.32 -7.85 19.67
C ASP A 193 -17.25 -8.17 18.62
N LEU A 194 -17.37 -9.28 17.91
CA LEU A 194 -16.42 -9.65 16.87
C LEU A 194 -17.05 -9.41 15.51
N HIS A 195 -16.34 -8.69 14.65
CA HIS A 195 -16.81 -8.37 13.30
C HIS A 195 -16.35 -9.43 12.32
N PHE A 196 -17.29 -9.98 11.56
CA PHE A 196 -17.02 -11.04 10.60
C PHE A 196 -17.37 -10.55 9.20
N LYS A 197 -16.43 -10.73 8.28
CA LYS A 197 -16.65 -10.57 6.84
C LYS A 197 -16.52 -11.93 6.19
N MET A 198 -17.62 -12.45 5.67
CA MET A 198 -17.66 -13.76 5.05
C MET A 198 -17.74 -13.60 3.53
N PHE A 199 -16.84 -14.26 2.82
CA PHE A 199 -16.73 -14.12 1.37
C PHE A 199 -17.14 -15.42 0.69
N ASP A 200 -18.24 -15.36 -0.07
CA ASP A 200 -18.72 -16.49 -0.85
C ASP A 200 -18.32 -16.27 -2.30
N VAL A 201 -17.62 -17.25 -2.86
CA VAL A 201 -16.99 -17.13 -4.17
C VAL A 201 -17.56 -18.15 -5.14
N GLY A 202 -18.80 -18.59 -4.89
CA GLY A 202 -19.42 -19.59 -5.75
C GLY A 202 -19.71 -19.10 -7.15
N GLY A 203 -20.06 -17.82 -7.31
CA GLY A 203 -20.44 -17.30 -8.61
C GLY A 203 -19.30 -17.19 -9.59
N GLN A 204 -18.06 -17.15 -9.12
CA GLN A 204 -16.92 -17.13 -10.03
C GLN A 204 -16.76 -18.51 -10.66
N ARG A 205 -16.76 -18.56 -12.00
CA ARG A 205 -16.80 -19.81 -12.73
C ARG A 205 -15.46 -20.18 -13.35
N SER A 206 -14.39 -19.51 -12.95
CA SER A 206 -13.06 -19.82 -13.45
C SER A 206 -12.38 -20.83 -12.54
N GLU A 207 -11.15 -21.19 -12.88
CA GLU A 207 -10.36 -22.04 -11.99
C GLU A 207 -9.95 -21.25 -10.76
N ARG A 208 -9.91 -21.93 -9.61
CA ARG A 208 -9.58 -21.25 -8.35
C ARG A 208 -8.16 -20.67 -8.39
N LYS A 209 -7.27 -21.27 -9.19
CA LYS A 209 -5.90 -20.79 -9.30
C LYS A 209 -5.84 -19.35 -9.77
N LYS A 210 -6.88 -18.85 -10.42
CA LYS A 210 -6.88 -17.49 -10.94
C LYS A 210 -7.19 -16.44 -9.87
N TRP A 211 -7.89 -16.82 -8.80
CA TRP A 211 -8.28 -15.85 -7.78
C TRP A 211 -8.02 -16.30 -6.35
N ILE A 212 -7.53 -17.52 -6.13
CA ILE A 212 -7.39 -18.01 -4.76
C ILE A 212 -6.26 -17.27 -4.04
N HIS A 213 -5.23 -16.83 -4.78
CA HIS A 213 -4.15 -16.06 -4.17
C HIS A 213 -4.66 -14.74 -3.59
N CYS A 214 -5.79 -14.23 -4.10
CA CYS A 214 -6.38 -13.03 -3.55
C CYS A 214 -6.82 -13.21 -2.11
N PHE A 215 -7.03 -14.45 -1.68
CA PHE A 215 -7.51 -14.73 -0.33
C PHE A 215 -6.43 -15.29 0.58
N GLU A 216 -5.17 -15.23 0.15
CA GLU A 216 -4.05 -15.56 1.02
C GLU A 216 -3.94 -14.50 2.10
N GLY A 217 -4.34 -14.83 3.32
CA GLY A 217 -4.37 -13.87 4.40
C GLY A 217 -5.69 -13.78 5.12
N VAL A 218 -6.64 -14.65 4.77
CA VAL A 218 -7.89 -14.71 5.52
C VAL A 218 -7.64 -15.34 6.89
N THR A 219 -8.52 -15.02 7.84
CA THR A 219 -8.42 -15.62 9.17
C THR A 219 -8.68 -17.12 9.11
N ALA A 220 -9.70 -17.54 8.36
CA ALA A 220 -10.02 -18.96 8.29
C ALA A 220 -10.81 -19.26 7.03
N ILE A 221 -10.85 -20.53 6.69
CA ILE A 221 -11.66 -21.05 5.59
C ILE A 221 -12.75 -21.91 6.19
N ILE A 222 -14.00 -21.54 5.95
CA ILE A 222 -15.15 -22.34 6.37
C ILE A 222 -15.51 -23.24 5.20
N PHE A 223 -15.32 -24.54 5.39
CA PHE A 223 -15.55 -25.53 4.36
C PHE A 223 -16.79 -26.33 4.71
N CYS A 224 -17.80 -26.25 3.86
CA CYS A 224 -19.07 -26.94 4.09
C CYS A 224 -19.10 -28.21 3.26
N VAL A 225 -19.49 -29.32 3.88
CA VAL A 225 -19.62 -30.60 3.22
C VAL A 225 -20.96 -31.20 3.61
N ALA A 226 -21.76 -31.56 2.61
CA ALA A 226 -23.03 -32.22 2.87
C ALA A 226 -22.76 -33.65 3.33
N LEU A 227 -22.98 -33.91 4.62
CA LEU A 227 -22.73 -35.24 5.17
C LEU A 227 -23.68 -36.27 4.60
N SER A 228 -24.93 -35.87 4.33
CA SER A 228 -25.97 -36.86 3.88
C SER A 228 -25.89 -37.19 2.40
N ASP A 229 -24.89 -36.66 1.68
CA ASP A 229 -24.81 -36.89 0.24
C ASP A 229 -23.55 -37.70 -0.04
N TYR A 230 -23.67 -39.02 0.11
CA TYR A 230 -22.57 -39.94 -0.14
C TYR A 230 -22.99 -41.08 -1.07
N ASP A 231 -24.23 -41.11 -1.52
CA ASP A 231 -24.72 -42.11 -2.46
C ASP A 231 -25.00 -41.52 -3.84
N LEU A 232 -25.72 -40.40 -3.89
CA LEU A 232 -26.06 -39.77 -5.15
C LEU A 232 -24.85 -39.13 -5.80
N VAL A 233 -24.88 -39.04 -7.13
CA VAL A 233 -23.72 -38.60 -7.90
C VAL A 233 -23.81 -37.09 -8.14
N LEU A 234 -24.83 -36.65 -8.86
CA LEU A 234 -25.15 -35.23 -9.06
C LEU A 234 -23.92 -34.39 -9.45
N ALA A 235 -22.91 -35.00 -10.06
CA ALA A 235 -21.70 -34.31 -10.48
C ALA A 235 -20.82 -35.29 -11.25
N GLU A 236 -19.83 -34.75 -11.95
CA GLU A 236 -18.87 -35.60 -12.64
C GLU A 236 -18.05 -36.39 -11.62
N ASP A 237 -18.01 -37.71 -11.79
CA ASP A 237 -17.41 -38.59 -10.80
C ASP A 237 -16.89 -39.85 -11.48
N GLU A 238 -16.05 -40.58 -10.75
CA GLU A 238 -15.42 -41.77 -11.30
C GLU A 238 -16.46 -42.83 -11.64
N GLU A 239 -17.11 -43.43 -10.63
CA GLU A 239 -18.21 -44.34 -10.86
C GLU A 239 -19.50 -43.89 -10.18
N MET A 240 -19.49 -43.73 -8.85
CA MET A 240 -20.70 -43.32 -8.12
C MET A 240 -20.28 -42.79 -6.75
N ASN A 241 -20.35 -41.47 -6.57
CA ASN A 241 -20.05 -40.83 -5.29
C ASN A 241 -20.30 -39.34 -5.43
N ARG A 242 -20.33 -38.65 -4.28
CA ARG A 242 -20.26 -37.20 -4.26
C ARG A 242 -19.22 -36.76 -3.23
N MET A 243 -19.02 -37.60 -2.21
CA MET A 243 -18.03 -37.25 -1.19
C MET A 243 -16.61 -37.28 -1.76
N HIS A 244 -16.41 -37.93 -2.91
CA HIS A 244 -15.08 -37.97 -3.53
C HIS A 244 -14.63 -36.58 -3.95
N GLU A 245 -15.51 -35.81 -4.59
CA GLU A 245 -15.09 -34.47 -5.00
C GLU A 245 -14.96 -33.54 -3.80
N SER A 246 -15.74 -33.77 -2.74
CA SER A 246 -15.54 -33.02 -1.51
C SER A 246 -14.15 -33.30 -0.92
N MET A 247 -13.74 -34.57 -0.90
CA MET A 247 -12.40 -34.90 -0.45
C MET A 247 -11.34 -34.26 -1.35
N LYS A 248 -11.56 -34.29 -2.66
CA LYS A 248 -10.57 -33.71 -3.57
C LYS A 248 -10.44 -32.21 -3.36
N LEU A 249 -11.56 -31.51 -3.22
CA LEU A 249 -11.52 -30.07 -2.98
C LEU A 249 -10.87 -29.75 -1.64
N PHE A 250 -11.20 -30.53 -0.61
CA PHE A 250 -10.57 -30.33 0.69
C PHE A 250 -9.06 -30.56 0.63
N ASP A 251 -8.63 -31.59 -0.09
CA ASP A 251 -7.21 -31.86 -0.23
C ASP A 251 -6.51 -30.75 -0.99
N SER A 252 -7.14 -30.24 -2.05
CA SER A 252 -6.54 -29.16 -2.82
C SER A 252 -6.45 -27.88 -2.02
N ILE A 253 -7.45 -27.60 -1.18
CA ILE A 253 -7.47 -26.34 -0.44
C ILE A 253 -6.55 -26.42 0.78
N CYS A 254 -6.70 -27.45 1.61
CA CYS A 254 -5.90 -27.54 2.82
C CYS A 254 -4.42 -27.64 2.51
N ASN A 255 -4.07 -28.34 1.43
CA ASN A 255 -2.68 -28.50 0.99
C ASN A 255 -2.48 -27.57 -0.20
N ASN A 256 -2.19 -26.31 0.12
CA ASN A 256 -2.04 -25.26 -0.89
C ASN A 256 -0.93 -24.33 -0.45
N LYS A 257 -0.24 -23.75 -1.44
CA LYS A 257 0.84 -22.83 -1.15
C LYS A 257 0.34 -21.60 -0.42
N TRP A 258 -0.83 -21.09 -0.82
CA TRP A 258 -1.36 -19.87 -0.22
C TRP A 258 -1.87 -20.10 1.19
N PHE A 259 -2.58 -21.19 1.42
CA PHE A 259 -3.15 -21.51 2.73
C PHE A 259 -2.27 -22.49 3.48
N THR A 260 -1.01 -22.10 3.67
CA THR A 260 -0.06 -22.96 4.37
C THR A 260 -0.40 -23.06 5.85
N ASP A 261 -0.83 -21.95 6.46
CA ASP A 261 -1.13 -21.91 7.88
C ASP A 261 -2.54 -21.45 8.19
N THR A 262 -3.37 -21.22 7.17
CA THR A 262 -4.74 -20.82 7.39
C THR A 262 -5.55 -22.00 7.92
N SER A 263 -6.31 -21.76 8.99
CA SER A 263 -7.09 -22.84 9.60
C SER A 263 -8.37 -23.10 8.80
N ILE A 264 -8.88 -24.32 8.97
CA ILE A 264 -10.11 -24.77 8.33
C ILE A 264 -11.14 -25.05 9.41
N ILE A 265 -12.32 -24.49 9.25
CA ILE A 265 -13.48 -24.83 10.07
C ILE A 265 -14.38 -25.68 9.19
N LEU A 266 -14.51 -26.97 9.53
CA LEU A 266 -15.17 -27.95 8.68
C LEU A 266 -16.57 -28.21 9.20
N PHE A 267 -17.58 -27.92 8.38
CA PHE A 267 -18.97 -28.14 8.73
C PHE A 267 -19.50 -29.35 7.98
N LEU A 268 -20.15 -30.25 8.71
CA LEU A 268 -20.72 -31.46 8.14
C LEU A 268 -22.24 -31.35 8.25
N ASN A 269 -22.87 -30.90 7.16
CA ASN A 269 -24.28 -30.54 7.16
C ASN A 269 -25.15 -31.77 6.89
N LYS A 270 -26.44 -31.60 7.19
CA LYS A 270 -27.46 -32.62 6.93
C LYS A 270 -27.16 -33.92 7.67
N LYS A 271 -27.18 -33.82 8.99
CA LYS A 271 -26.90 -34.98 9.82
C LYS A 271 -28.08 -35.95 9.87
N ASP A 272 -29.31 -35.45 9.81
CA ASP A 272 -30.48 -36.32 9.91
C ASP A 272 -30.72 -37.10 8.62
N LEU A 273 -30.57 -36.45 7.47
CA LEU A 273 -30.71 -37.15 6.20
C LEU A 273 -29.65 -38.23 6.10
N PHE A 274 -28.43 -37.94 6.57
CA PHE A 274 -27.39 -38.96 6.65
C PHE A 274 -27.78 -40.08 7.60
N GLU A 275 -28.44 -39.73 8.71
CA GLU A 275 -28.88 -40.76 9.66
C GLU A 275 -29.80 -41.76 8.97
N GLU A 276 -30.84 -41.27 8.30
CA GLU A 276 -31.76 -42.19 7.65
C GLU A 276 -31.10 -42.91 6.48
N LYS A 277 -30.21 -42.23 5.76
CA LYS A 277 -29.50 -42.88 4.66
C LYS A 277 -28.65 -44.04 5.16
N ILE A 278 -27.89 -43.82 6.24
CA ILE A 278 -27.04 -44.87 6.78
C ILE A 278 -27.89 -45.97 7.39
N LYS A 279 -29.12 -45.64 7.82
CA LYS A 279 -30.04 -46.70 8.22
C LYS A 279 -30.45 -47.55 7.02
N LYS A 280 -30.70 -46.91 5.86
CA LYS A 280 -31.15 -47.63 4.68
C LYS A 280 -30.01 -48.11 3.79
N SER A 281 -28.91 -47.37 3.72
CA SER A 281 -27.79 -47.74 2.86
C SER A 281 -26.48 -47.62 3.64
N PRO A 282 -25.53 -48.52 3.40
CA PRO A 282 -24.27 -48.49 4.14
C PRO A 282 -23.22 -47.58 3.50
N LEU A 283 -22.22 -47.25 4.31
CA LEU A 283 -21.11 -46.41 3.86
C LEU A 283 -20.17 -47.12 2.89
N THR A 284 -20.30 -48.44 2.74
CA THR A 284 -19.30 -49.21 2.00
C THR A 284 -19.23 -48.79 0.54
N ILE A 285 -20.37 -48.42 -0.06
CA ILE A 285 -20.38 -48.10 -1.48
C ILE A 285 -19.55 -46.87 -1.79
N CYS A 286 -19.22 -46.06 -0.77
CA CYS A 286 -18.27 -44.98 -0.92
C CYS A 286 -17.14 -45.03 0.10
N TYR A 287 -17.23 -45.88 1.13
CA TYR A 287 -16.16 -46.07 2.11
C TYR A 287 -15.91 -47.56 2.26
N PRO A 288 -15.15 -48.16 1.34
CA PRO A 288 -14.94 -49.62 1.40
C PRO A 288 -14.26 -50.10 2.67
N GLU A 289 -13.46 -49.25 3.32
CA GLU A 289 -12.73 -49.64 4.52
C GLU A 289 -13.52 -49.41 5.81
N TYR A 290 -14.75 -48.92 5.70
CA TYR A 290 -15.58 -48.70 6.88
C TYR A 290 -15.89 -50.02 7.58
N ALA A 291 -15.72 -50.04 8.89
CA ALA A 291 -15.99 -51.21 9.71
C ALA A 291 -16.79 -50.81 10.94
N GLY A 292 -17.65 -51.71 11.40
CA GLY A 292 -18.52 -51.46 12.52
C GLY A 292 -19.98 -51.38 12.09
N SER A 293 -20.86 -51.57 13.07
CA SER A 293 -22.29 -51.55 12.80
C SER A 293 -22.73 -50.19 12.27
N ASN A 294 -23.74 -50.21 11.40
CA ASN A 294 -24.22 -48.98 10.79
C ASN A 294 -24.96 -48.14 11.82
N THR A 295 -24.24 -47.21 12.45
CA THR A 295 -24.79 -46.30 13.44
C THR A 295 -24.49 -44.88 13.00
N TYR A 296 -25.31 -43.94 13.49
CA TYR A 296 -25.08 -42.54 13.18
C TYR A 296 -23.72 -42.09 13.67
N GLU A 297 -23.41 -42.36 14.94
CA GLU A 297 -22.17 -41.86 15.52
C GLU A 297 -20.95 -42.48 14.85
N GLU A 298 -20.99 -43.79 14.58
CA GLU A 298 -19.83 -44.46 14.00
C GLU A 298 -19.56 -43.95 12.59
N ALA A 299 -20.59 -43.88 11.76
CA ALA A 299 -20.40 -43.39 10.40
C ALA A 299 -19.99 -41.92 10.38
N ALA A 300 -20.59 -41.13 11.26
CA ALA A 300 -20.24 -39.71 11.35
C ALA A 300 -18.79 -39.52 11.76
N ALA A 301 -18.32 -40.31 12.73
CA ALA A 301 -16.92 -40.24 13.12
C ALA A 301 -16.00 -40.76 12.03
N TYR A 302 -16.47 -41.70 11.22
CA TYR A 302 -15.68 -42.13 10.07
C TYR A 302 -15.52 -41.00 9.07
N ILE A 303 -16.58 -40.23 8.83
CA ILE A 303 -16.45 -39.05 7.97
C ILE A 303 -15.51 -38.03 8.59
N GLN A 304 -15.65 -37.80 9.90
CA GLN A 304 -14.71 -36.99 10.67
C GLN A 304 -13.27 -37.36 10.31
N CYS A 305 -12.91 -38.62 10.56
CA CYS A 305 -11.53 -39.06 10.40
C CYS A 305 -11.09 -38.96 8.94
N GLN A 306 -11.95 -39.38 8.02
CA GLN A 306 -11.58 -39.36 6.61
C GLN A 306 -11.28 -37.96 6.12
N PHE A 307 -12.10 -36.98 6.50
CA PHE A 307 -11.86 -35.61 6.04
C PHE A 307 -10.69 -34.98 6.78
N GLU A 308 -10.56 -35.24 8.09
CA GLU A 308 -9.50 -34.61 8.86
C GLU A 308 -8.13 -35.22 8.60
N ASP A 309 -8.06 -36.42 8.03
CA ASP A 309 -6.77 -37.00 7.71
C ASP A 309 -6.22 -36.57 6.36
N LEU A 310 -6.99 -35.81 5.57
CA LEU A 310 -6.47 -35.24 4.34
C LEU A 310 -5.41 -34.18 4.59
N ASN A 311 -5.37 -33.63 5.80
CA ASN A 311 -4.31 -32.69 6.17
C ASN A 311 -2.96 -33.37 6.11
N LYS A 312 -1.98 -32.69 5.53
CA LYS A 312 -0.61 -33.17 5.46
C LYS A 312 0.35 -32.35 6.29
N ARG A 313 -0.14 -31.33 6.98
CA ARG A 313 0.67 -30.45 7.83
C ARG A 313 -0.01 -30.23 9.16
N LYS A 314 -0.39 -31.34 9.81
CA LYS A 314 -1.07 -31.29 11.10
C LYS A 314 -0.29 -30.57 12.18
N ASP A 315 1.00 -30.28 11.94
CA ASP A 315 1.81 -29.50 12.87
C ASP A 315 1.80 -28.01 12.57
N THR A 316 1.05 -27.57 11.57
CA THR A 316 1.03 -26.17 11.17
C THR A 316 -0.35 -25.53 11.23
N LYS A 317 -1.39 -26.22 10.79
CA LYS A 317 -2.73 -25.66 10.75
C LYS A 317 -3.72 -26.63 11.37
N GLU A 318 -4.78 -26.08 11.97
CA GLU A 318 -5.79 -26.87 12.66
C GLU A 318 -7.03 -27.02 11.80
N ILE A 319 -7.77 -28.09 12.06
CA ILE A 319 -9.08 -28.33 11.47
C ILE A 319 -10.08 -28.34 12.60
N TYR A 320 -11.10 -27.49 12.52
CA TYR A 320 -12.18 -27.45 13.48
C TYR A 320 -13.43 -28.02 12.80
N THR A 321 -13.87 -29.17 13.27
CA THR A 321 -14.97 -29.88 12.62
C THR A 321 -16.21 -29.82 13.50
N HIS A 322 -17.35 -29.53 12.89
CA HIS A 322 -18.62 -29.40 13.61
C HIS A 322 -19.72 -30.07 12.82
N PHE A 323 -20.50 -30.90 13.50
CA PHE A 323 -21.70 -31.49 12.89
C PHE A 323 -22.83 -30.50 13.00
N THR A 324 -23.20 -29.89 11.87
CA THR A 324 -24.09 -28.74 11.86
C THR A 324 -25.44 -29.06 12.51
N CYS A 325 -25.69 -28.45 13.67
CA CYS A 325 -26.99 -28.54 14.34
C CYS A 325 -27.82 -27.37 13.86
N ALA A 326 -28.57 -27.59 12.78
CA ALA A 326 -29.40 -26.54 12.21
C ALA A 326 -30.55 -26.13 13.12
N THR A 327 -30.86 -26.92 14.14
CA THR A 327 -31.93 -26.59 15.07
C THR A 327 -31.46 -25.73 16.23
N ASP A 328 -30.16 -25.46 16.33
CA ASP A 328 -29.61 -24.65 17.39
C ASP A 328 -28.72 -23.56 16.81
N THR A 329 -28.42 -22.56 17.63
CA THR A 329 -27.50 -21.48 17.25
C THR A 329 -26.06 -21.78 17.64
N LYS A 330 -25.70 -23.05 17.73
CA LYS A 330 -24.36 -23.46 18.11
C LYS A 330 -23.40 -23.43 16.91
N ASN A 331 -23.91 -23.26 15.69
CA ASN A 331 -23.03 -23.16 14.54
C ASN A 331 -22.23 -21.86 14.56
N VAL A 332 -22.91 -20.75 14.80
CA VAL A 332 -22.23 -19.45 14.88
C VAL A 332 -21.37 -19.39 16.13
N GLN A 333 -21.84 -19.99 17.23
CA GLN A 333 -21.02 -20.05 18.44
C GLN A 333 -19.76 -20.87 18.20
N PHE A 334 -19.86 -21.97 17.46
CA PHE A 334 -18.68 -22.77 17.14
C PHE A 334 -17.72 -21.99 16.26
N VAL A 335 -18.24 -21.27 15.27
CA VAL A 335 -17.37 -20.46 14.42
C VAL A 335 -16.66 -19.41 15.26
N PHE A 336 -17.38 -18.82 16.22
CA PHE A 336 -16.79 -17.83 17.11
C PHE A 336 -15.67 -18.45 17.95
N ASP A 337 -15.92 -19.64 18.51
CA ASP A 337 -14.91 -20.30 19.34
C ASP A 337 -13.68 -20.67 18.53
N ALA A 338 -13.88 -21.22 17.33
CA ALA A 338 -12.78 -21.59 16.47
C ALA A 338 -11.98 -20.38 16.03
N VAL A 339 -12.66 -19.28 15.71
CA VAL A 339 -11.98 -18.06 15.28
C VAL A 339 -11.22 -17.43 16.44
N THR A 340 -11.77 -17.49 17.65
CA THR A 340 -11.06 -17.03 18.82
C THR A 340 -9.79 -17.82 19.04
N ASP A 341 -9.88 -19.15 18.90
CA ASP A 341 -8.69 -19.99 19.01
C ASP A 341 -7.67 -19.64 17.93
N VAL A 342 -8.13 -19.44 16.70
CA VAL A 342 -7.23 -19.10 15.59
C VAL A 342 -6.53 -17.78 15.87
N ILE A 343 -7.26 -16.79 16.39
CA ILE A 343 -6.67 -15.49 16.69
C ILE A 343 -5.59 -15.63 17.77
N ILE A 344 -5.89 -16.37 18.82
CA ILE A 344 -4.92 -16.57 19.90
C ILE A 344 -3.67 -17.26 19.36
N LYS A 345 -3.85 -18.32 18.58
CA LYS A 345 -2.70 -19.05 18.05
C LYS A 345 -1.89 -18.18 17.11
N ASN A 346 -2.54 -17.37 16.27
CA ASN A 346 -1.82 -16.48 15.36
C ASN A 346 -0.98 -15.49 16.14
N ASN A 347 -1.57 -14.85 17.15
CA ASN A 347 -0.82 -13.90 17.97
C ASN A 347 0.36 -14.58 18.65
N LEU A 348 0.15 -15.79 19.17
CA LEU A 348 1.20 -16.43 19.96
C LEU A 348 2.34 -16.94 19.08
N LYS A 349 2.02 -17.47 17.90
CA LYS A 349 3.05 -17.97 17.01
C LYS A 349 3.68 -16.88 16.17
N ASP A 350 3.09 -15.68 16.13
CA ASP A 350 3.75 -14.56 15.49
C ASP A 350 4.91 -14.04 16.34
N CYS A 351 4.86 -14.26 17.65
CA CYS A 351 5.91 -13.85 18.56
C CYS A 351 6.80 -15.01 19.00
N GLY A 352 6.69 -16.16 18.35
CA GLY A 352 7.54 -17.29 18.65
C GLY A 352 7.14 -18.11 19.86
N LEU A 353 5.97 -17.88 20.42
CA LEU A 353 5.51 -18.61 21.60
C LEU A 353 4.69 -19.84 21.25
N PHE A 354 4.44 -20.10 19.98
CA PHE A 354 3.65 -21.24 19.56
C PHE A 354 4.18 -21.79 18.25
N GLU B 8 -21.59 -34.53 -40.17
CA GLU B 8 -21.38 -33.10 -40.43
C GLU B 8 -20.21 -32.57 -39.62
N LEU B 9 -20.11 -33.02 -38.37
CA LEU B 9 -19.03 -32.56 -37.50
C LEU B 9 -17.67 -33.08 -37.96
N ASP B 10 -17.61 -34.32 -38.45
CA ASP B 10 -16.34 -34.89 -38.89
C ASP B 10 -15.76 -34.10 -40.07
N GLN B 11 -16.61 -33.80 -41.05
CA GLN B 11 -16.14 -33.04 -42.21
C GLN B 11 -15.60 -31.67 -41.81
N LEU B 12 -16.31 -30.99 -40.91
CA LEU B 12 -15.89 -29.65 -40.50
C LEU B 12 -14.62 -29.70 -39.66
N ARG B 13 -14.47 -30.73 -38.82
CA ARG B 13 -13.22 -30.91 -38.09
C ARG B 13 -12.05 -31.15 -39.05
N GLN B 14 -12.26 -31.97 -40.08
CA GLN B 14 -11.20 -32.20 -41.06
C GLN B 14 -10.87 -30.91 -41.81
N GLU B 15 -11.88 -30.14 -42.17
CA GLU B 15 -11.63 -28.88 -42.87
C GLU B 15 -10.84 -27.91 -41.99
N ALA B 16 -11.17 -27.86 -40.69
CA ALA B 16 -10.42 -27.03 -39.77
C ALA B 16 -8.97 -27.50 -39.67
N GLU B 17 -8.75 -28.81 -39.66
CA GLU B 17 -7.40 -29.35 -39.62
C GLU B 17 -6.60 -28.94 -40.86
N GLN B 18 -7.22 -29.05 -42.04
CA GLN B 18 -6.53 -28.61 -43.26
C GLN B 18 -6.23 -27.12 -43.23
N LEU B 19 -7.18 -26.32 -42.73
CA LEU B 19 -6.97 -24.88 -42.68
C LEU B 19 -5.83 -24.52 -41.73
N LYS B 20 -5.77 -25.16 -40.57
CA LYS B 20 -4.66 -24.93 -39.64
C LYS B 20 -3.34 -25.35 -40.25
N ASN B 21 -3.33 -26.49 -40.95
CA ASN B 21 -2.10 -26.94 -41.60
C ASN B 21 -1.64 -25.96 -42.66
N GLN B 22 -2.57 -25.41 -43.44
CA GLN B 22 -2.21 -24.44 -44.46
C GLN B 22 -1.70 -23.14 -43.84
N ILE B 23 -2.29 -22.72 -42.71
CA ILE B 23 -1.78 -21.55 -42.00
C ILE B 23 -0.35 -21.79 -41.55
N ARG B 24 -0.09 -22.98 -40.97
CA ARG B 24 1.26 -23.30 -40.52
C ARG B 24 2.24 -23.33 -41.69
N ASP B 25 1.81 -23.88 -42.82
CA ASP B 25 2.68 -23.93 -44.01
C ASP B 25 3.00 -22.53 -44.52
N ALA B 26 2.00 -21.64 -44.55
CA ALA B 26 2.26 -20.27 -44.97
C ALA B 26 3.21 -19.55 -44.02
N ARG B 27 3.03 -19.77 -42.72
CA ARG B 27 3.95 -19.16 -41.74
C ARG B 27 5.37 -19.67 -41.93
N LYS B 28 5.53 -20.97 -42.13
CA LYS B 28 6.87 -21.53 -42.31
C LYS B 28 7.50 -21.05 -43.61
N ALA B 29 6.71 -20.95 -44.67
CA ALA B 29 7.23 -20.40 -45.93
C ALA B 29 7.64 -18.95 -45.77
N CYS B 30 6.99 -18.24 -44.84
CA CYS B 30 7.29 -16.80 -44.62
C CYS B 30 8.54 -16.63 -43.75
N ALA B 31 8.95 -17.69 -43.06
CA ALA B 31 10.11 -17.62 -42.15
C ALA B 31 11.39 -17.78 -42.95
N ASP B 32 12.02 -16.66 -43.29
CA ASP B 32 13.24 -16.65 -44.08
C ASP B 32 14.48 -16.72 -43.22
N ALA B 33 14.63 -15.79 -42.27
CA ALA B 33 15.79 -15.75 -41.39
C ALA B 33 15.35 -15.22 -40.03
N THR B 34 15.92 -15.77 -38.97
CA THR B 34 15.55 -15.38 -37.62
C THR B 34 16.12 -14.00 -37.28
N LEU B 35 15.58 -13.40 -36.22
CA LEU B 35 16.06 -12.07 -35.76
C LEU B 35 17.29 -12.29 -34.86
N SER B 36 18.12 -13.28 -35.19
CA SER B 36 19.33 -13.54 -34.43
C SER B 36 20.53 -13.49 -35.36
N GLN B 37 20.36 -14.01 -36.57
CA GLN B 37 21.44 -13.97 -37.55
C GLN B 37 21.61 -12.59 -38.16
N ILE B 38 20.51 -11.87 -38.40
CA ILE B 38 20.62 -10.55 -39.00
C ILE B 38 20.71 -9.44 -37.96
N THR B 39 20.68 -9.78 -36.67
CA THR B 39 20.99 -8.85 -35.59
C THR B 39 22.31 -9.19 -34.92
N ASN B 40 23.07 -10.14 -35.49
CA ASN B 40 24.33 -10.57 -34.87
C ASN B 40 25.41 -9.51 -34.94
N ASN B 41 25.37 -8.64 -35.95
CA ASN B 41 26.35 -7.58 -36.08
C ASN B 41 26.03 -6.38 -35.20
N ILE B 42 24.89 -6.38 -34.50
CA ILE B 42 24.54 -5.28 -33.62
C ILE B 42 25.41 -5.34 -32.37
N ASP B 43 25.92 -4.19 -31.97
CA ASP B 43 26.68 -4.11 -30.72
C ASP B 43 25.76 -4.33 -29.53
N PRO B 44 26.16 -5.15 -28.56
CA PRO B 44 25.29 -5.37 -27.39
C PRO B 44 25.16 -4.13 -26.54
N VAL B 45 24.01 -4.02 -25.87
CA VAL B 45 23.78 -2.89 -24.98
C VAL B 45 24.69 -2.95 -23.77
N GLY B 46 25.23 -4.12 -23.45
CA GLY B 46 26.13 -4.26 -22.32
C GLY B 46 25.43 -4.64 -21.04
N ARG B 47 25.80 -4.00 -19.94
CA ARG B 47 25.16 -4.20 -18.65
C ARG B 47 24.38 -2.95 -18.29
N ILE B 48 23.07 -3.10 -18.20
CA ILE B 48 22.19 -2.00 -17.79
C ILE B 48 22.13 -1.98 -16.27
N GLN B 49 22.42 -0.83 -15.69
CA GLN B 49 22.41 -0.66 -14.23
C GLN B 49 21.44 0.47 -13.90
N MET B 50 20.20 0.10 -13.59
CA MET B 50 19.20 1.04 -13.14
C MET B 50 19.15 1.02 -11.62
N ARG B 51 19.02 2.20 -11.02
CA ARG B 51 18.99 2.35 -9.58
C ARG B 51 17.63 2.88 -9.15
N THR B 52 17.21 2.48 -7.95
CA THR B 52 15.98 3.01 -7.38
C THR B 52 16.17 4.48 -7.04
N ARG B 53 15.23 5.30 -7.51
CA ARG B 53 15.21 6.73 -7.24
C ARG B 53 14.10 7.13 -6.29
N ARG B 54 13.01 6.38 -6.26
CA ARG B 54 11.86 6.68 -5.42
C ARG B 54 11.27 5.37 -4.90
N THR B 55 10.65 5.46 -3.73
CA THR B 55 9.90 4.34 -3.15
C THR B 55 8.56 4.89 -2.67
N LEU B 56 7.48 4.47 -3.32
CA LEU B 56 6.13 4.91 -2.98
C LEU B 56 5.57 4.00 -1.90
N ARG B 57 5.51 4.51 -0.67
CA ARG B 57 4.95 3.81 0.47
C ARG B 57 3.58 4.37 0.81
N GLY B 58 2.73 3.51 1.35
CA GLY B 58 1.38 3.94 1.68
C GLY B 58 0.31 2.90 1.45
N HIS B 59 0.49 2.01 0.47
CA HIS B 59 -0.40 0.87 0.35
C HIS B 59 -0.16 -0.09 1.52
N LEU B 60 -1.24 -0.69 2.01
CA LEU B 60 -1.16 -1.58 3.16
C LEU B 60 -1.29 -3.06 2.80
N ALA B 61 -1.87 -3.38 1.66
CA ALA B 61 -1.91 -4.73 1.13
C ALA B 61 -1.05 -4.79 -0.14
N LYS B 62 -1.06 -5.94 -0.80
CA LYS B 62 -0.25 -6.10 -1.99
C LYS B 62 -0.82 -5.29 -3.16
N ILE B 63 0.07 -4.81 -4.01
CA ILE B 63 -0.29 -4.03 -5.18
C ILE B 63 -0.56 -4.98 -6.34
N TYR B 64 -1.69 -4.80 -7.01
CA TYR B 64 -2.02 -5.66 -8.13
C TYR B 64 -1.78 -5.01 -9.48
N ALA B 65 -1.93 -3.70 -9.59
CA ALA B 65 -1.79 -3.03 -10.87
C ALA B 65 -1.29 -1.60 -10.66
N MET B 66 -0.61 -1.08 -11.69
CA MET B 66 -0.25 0.33 -11.74
C MET B 66 -0.34 0.78 -13.20
N HIS B 67 -0.52 2.08 -13.40
CA HIS B 67 -0.55 2.64 -14.74
C HIS B 67 -0.01 4.06 -14.71
N TRP B 68 0.87 4.37 -15.66
CA TRP B 68 1.40 5.71 -15.82
C TRP B 68 0.40 6.61 -16.53
N GLY B 69 0.35 7.87 -16.10
CA GLY B 69 -0.30 8.89 -16.91
C GLY B 69 0.54 9.29 -18.10
N THR B 70 -0.10 9.94 -19.06
CA THR B 70 0.59 10.32 -20.29
C THR B 70 1.58 11.46 -20.08
N ASP B 71 1.50 12.16 -18.95
CA ASP B 71 2.46 13.20 -18.63
C ASP B 71 3.75 12.63 -18.04
N SER B 72 3.78 11.33 -17.75
CA SER B 72 4.96 10.64 -17.21
C SER B 72 5.37 11.19 -15.85
N ARG B 73 4.42 11.73 -15.12
CA ARG B 73 4.67 12.19 -13.76
C ARG B 73 3.67 11.63 -12.76
N LEU B 74 2.41 11.48 -13.15
CA LEU B 74 1.39 10.91 -12.29
C LEU B 74 1.19 9.44 -12.61
N LEU B 75 0.92 8.65 -11.59
CA LEU B 75 0.63 7.24 -11.79
C LEU B 75 -0.42 6.79 -10.81
N VAL B 76 -1.18 5.76 -11.17
CA VAL B 76 -2.22 5.21 -10.32
C VAL B 76 -1.85 3.78 -9.98
N SER B 77 -2.08 3.40 -8.72
CA SER B 77 -1.86 2.03 -8.29
C SER B 77 -3.12 1.52 -7.57
N ALA B 78 -3.34 0.22 -7.68
CA ALA B 78 -4.48 -0.46 -7.11
C ALA B 78 -3.99 -1.49 -6.10
N SER B 79 -4.57 -1.49 -4.91
CA SER B 79 -4.17 -2.46 -3.89
C SER B 79 -5.38 -3.19 -3.35
N GLN B 80 -5.12 -4.36 -2.76
CA GLN B 80 -6.17 -5.19 -2.19
C GLN B 80 -6.72 -4.63 -0.89
N ASP B 81 -6.16 -3.54 -0.39
CA ASP B 81 -6.77 -2.81 0.72
C ASP B 81 -7.96 -1.95 0.26
N GLY B 82 -8.47 -2.18 -0.93
CA GLY B 82 -9.57 -1.41 -1.47
C GLY B 82 -9.24 0.05 -1.73
N LYS B 83 -8.06 0.32 -2.31
CA LYS B 83 -7.66 1.75 -2.45
C LYS B 83 -6.98 2.04 -3.79
N LEU B 84 -7.32 3.17 -4.41
CA LEU B 84 -6.64 3.60 -5.66
C LEU B 84 -5.87 4.89 -5.33
N ILE B 85 -4.54 4.86 -5.39
CA ILE B 85 -3.73 6.04 -4.97
C ILE B 85 -3.03 6.65 -6.19
N ILE B 86 -3.16 7.97 -6.39
CA ILE B 86 -2.40 8.66 -7.47
C ILE B 86 -1.11 9.20 -6.85
N TRP B 87 0.04 9.00 -7.51
CA TRP B 87 1.33 9.41 -6.89
C TRP B 87 2.06 10.43 -7.76
N ASP B 88 2.71 11.42 -7.13
CA ASP B 88 3.55 12.37 -7.91
C ASP B 88 4.96 11.75 -7.97
N SER B 89 5.26 10.99 -9.04
CA SER B 89 6.55 10.27 -9.12
C SER B 89 7.72 11.20 -8.80
N TYR B 90 7.55 12.50 -9.03
CA TYR B 90 8.67 13.47 -8.83
C TYR B 90 8.84 13.79 -7.34
N THR B 91 7.75 14.10 -6.63
CA THR B 91 7.84 14.50 -5.24
C THR B 91 7.48 13.38 -4.27
N THR B 92 6.94 12.26 -4.78
CA THR B 92 6.51 11.12 -3.97
C THR B 92 5.19 11.45 -3.26
N ASN B 93 4.72 12.68 -3.43
CA ASN B 93 3.43 13.08 -2.87
C ASN B 93 2.30 12.23 -3.43
N LYS B 94 1.36 11.85 -2.57
CA LYS B 94 0.14 11.20 -3.03
C LYS B 94 -0.92 12.26 -3.30
N VAL B 95 -1.44 12.26 -4.52
CA VAL B 95 -2.39 13.29 -4.94
C VAL B 95 -3.82 12.92 -4.57
N HIS B 96 -4.21 11.67 -4.82
CA HIS B 96 -5.58 11.22 -4.59
C HIS B 96 -5.56 9.84 -3.94
N ALA B 97 -6.52 9.62 -3.04
CA ALA B 97 -6.79 8.30 -2.49
C ALA B 97 -8.27 8.00 -2.68
N ILE B 98 -8.56 7.01 -3.53
CA ILE B 98 -9.92 6.67 -3.93
C ILE B 98 -10.30 5.35 -3.27
N PRO B 99 -11.31 5.34 -2.39
CA PRO B 99 -11.78 4.07 -1.83
C PRO B 99 -12.66 3.33 -2.82
N LEU B 100 -12.55 2.00 -2.80
CA LEU B 100 -13.26 1.13 -3.72
C LEU B 100 -14.40 0.41 -3.00
N ARG B 101 -15.55 0.32 -3.65
CA ARG B 101 -16.66 -0.45 -3.09
C ARG B 101 -16.34 -1.93 -3.01
N SER B 102 -15.48 -2.43 -3.87
CA SER B 102 -14.99 -3.80 -3.80
C SER B 102 -13.49 -3.78 -3.66
N SER B 103 -12.98 -4.47 -2.64
CA SER B 103 -11.54 -4.47 -2.39
C SER B 103 -10.79 -5.47 -3.25
N TRP B 104 -11.49 -6.31 -4.01
CA TRP B 104 -10.86 -7.37 -4.80
C TRP B 104 -10.51 -6.88 -6.19
N VAL B 105 -9.68 -5.85 -6.21
CA VAL B 105 -9.27 -5.20 -7.45
C VAL B 105 -8.13 -5.98 -8.08
N MET B 106 -8.12 -6.02 -9.41
CA MET B 106 -7.09 -6.71 -10.17
C MET B 106 -6.48 -5.87 -11.28
N THR B 107 -7.12 -4.78 -11.70
CA THR B 107 -6.61 -3.96 -12.78
C THR B 107 -6.96 -2.51 -12.50
N CYS B 108 -6.18 -1.61 -13.10
CA CYS B 108 -6.45 -0.19 -13.05
C CYS B 108 -5.86 0.46 -14.30
N ALA B 109 -6.53 1.51 -14.76
CA ALA B 109 -6.11 2.22 -15.96
C ALA B 109 -6.18 3.72 -15.70
N TYR B 110 -5.36 4.46 -16.43
CA TYR B 110 -5.30 5.91 -16.32
C TYR B 110 -5.74 6.42 -17.68
N ALA B 111 -6.77 7.24 -17.72
CA ALA B 111 -7.23 7.78 -18.99
C ALA B 111 -6.14 8.67 -19.61
N PRO B 112 -5.93 8.59 -20.92
CA PRO B 112 -4.91 9.44 -21.55
C PRO B 112 -5.36 10.87 -21.75
N SER B 113 -6.06 11.40 -20.75
CA SER B 113 -6.33 12.82 -20.61
C SER B 113 -6.16 13.28 -19.17
N GLY B 114 -6.07 12.36 -18.21
CA GLY B 114 -5.91 12.70 -16.81
C GLY B 114 -7.20 12.91 -16.05
N ASN B 115 -8.35 12.84 -16.72
CA ASN B 115 -9.62 13.16 -16.08
C ASN B 115 -10.31 11.96 -15.45
N TYR B 116 -9.93 10.74 -15.82
CA TYR B 116 -10.63 9.55 -15.37
C TYR B 116 -9.64 8.47 -15.00
N VAL B 117 -10.03 7.65 -14.02
CA VAL B 117 -9.33 6.39 -13.75
C VAL B 117 -10.36 5.27 -13.80
N ALA B 118 -9.87 4.06 -13.99
CA ALA B 118 -10.71 2.87 -14.05
C ALA B 118 -10.14 1.80 -13.14
N CYS B 119 -11.02 0.96 -12.62
CA CYS B 119 -10.57 -0.20 -11.86
C CYS B 119 -11.64 -1.28 -11.91
N GLY B 120 -11.20 -2.53 -11.82
CA GLY B 120 -12.10 -3.66 -11.80
C GLY B 120 -11.45 -4.81 -11.09
N GLY B 121 -12.20 -5.90 -10.95
CA GLY B 121 -11.66 -7.07 -10.29
C GLY B 121 -12.64 -8.22 -10.16
N LEU B 122 -12.72 -8.81 -8.97
CA LEU B 122 -13.57 -9.97 -8.74
C LEU B 122 -15.05 -9.63 -8.70
N ASP B 123 -15.41 -8.35 -8.71
CA ASP B 123 -16.82 -7.97 -8.72
C ASP B 123 -17.43 -8.01 -10.13
N ASN B 124 -16.63 -8.27 -11.16
CA ASN B 124 -17.07 -8.33 -12.55
C ASN B 124 -17.58 -6.99 -13.07
N ILE B 125 -17.16 -5.88 -12.47
CA ILE B 125 -17.63 -4.55 -12.83
C ILE B 125 -16.42 -3.66 -13.04
N CYS B 126 -16.44 -2.86 -14.11
CA CYS B 126 -15.42 -1.86 -14.36
C CYS B 126 -15.92 -0.50 -13.90
N SER B 127 -15.34 0.04 -12.84
CA SER B 127 -15.74 1.32 -12.28
C SER B 127 -14.87 2.43 -12.84
N ILE B 128 -15.52 3.48 -13.34
CA ILE B 128 -14.90 4.67 -13.89
C ILE B 128 -15.09 5.79 -12.88
N TYR B 129 -13.97 6.38 -12.45
CA TYR B 129 -13.94 7.46 -11.47
C TYR B 129 -13.52 8.76 -12.13
N ASN B 130 -14.24 9.83 -11.83
CA ASN B 130 -13.99 11.17 -12.35
C ASN B 130 -12.97 11.88 -11.44
N LEU B 131 -11.87 12.32 -12.03
CA LEU B 131 -10.79 12.93 -11.27
C LEU B 131 -10.86 14.45 -11.23
N LYS B 132 -11.68 15.06 -12.08
CA LYS B 132 -11.78 16.52 -12.19
C LYS B 132 -13.23 16.93 -11.97
N THR B 133 -13.61 17.08 -10.70
CA THR B 133 -14.96 17.48 -10.33
C THR B 133 -14.94 18.84 -9.66
N ARG B 134 -16.01 19.60 -9.86
CA ARG B 134 -16.12 20.92 -9.24
C ARG B 134 -16.23 20.82 -7.72
N GLU B 135 -16.77 19.71 -7.21
CA GLU B 135 -16.91 19.56 -5.77
C GLU B 135 -15.61 19.19 -5.08
N GLY B 136 -14.55 18.92 -5.82
CA GLY B 136 -13.23 18.75 -5.25
C GLY B 136 -12.91 17.38 -4.70
N ASN B 137 -13.73 16.37 -4.98
CA ASN B 137 -13.46 15.02 -4.52
C ASN B 137 -13.73 14.05 -5.66
N VAL B 138 -12.98 12.94 -5.68
CA VAL B 138 -13.14 11.94 -6.71
C VAL B 138 -14.44 11.17 -6.47
N ARG B 139 -15.26 11.08 -7.51
CA ARG B 139 -16.53 10.37 -7.44
C ARG B 139 -16.60 9.34 -8.56
N VAL B 140 -17.34 8.27 -8.30
CA VAL B 140 -17.53 7.25 -9.32
C VAL B 140 -18.38 7.80 -10.44
N SER B 141 -17.87 7.72 -11.67
CA SER B 141 -18.55 8.24 -12.83
C SER B 141 -19.51 7.21 -13.44
N ARG B 142 -19.04 5.97 -13.58
CA ARG B 142 -19.92 4.93 -14.12
C ARG B 142 -19.48 3.57 -13.60
N GLU B 143 -20.40 2.61 -13.68
CA GLU B 143 -20.10 1.21 -13.38
C GLU B 143 -20.53 0.37 -14.58
N LEU B 144 -19.56 -0.19 -15.30
CA LEU B 144 -19.82 -1.03 -16.45
C LEU B 144 -20.02 -2.47 -15.96
N ALA B 145 -21.24 -2.95 -16.09
CA ALA B 145 -21.61 -4.31 -15.71
C ALA B 145 -22.07 -5.07 -16.94
N GLY B 146 -21.82 -6.37 -16.94
CA GLY B 146 -22.16 -7.20 -18.09
C GLY B 146 -21.17 -8.32 -18.32
N HIS B 147 -19.97 -8.21 -17.76
CA HIS B 147 -19.03 -9.32 -17.79
C HIS B 147 -19.46 -10.39 -16.78
N THR B 148 -19.31 -11.65 -17.18
CA THR B 148 -19.71 -12.76 -16.33
C THR B 148 -18.61 -13.18 -15.37
N GLY B 149 -17.34 -13.03 -15.75
CA GLY B 149 -16.22 -13.31 -14.90
C GLY B 149 -15.54 -12.05 -14.40
N TYR B 150 -14.46 -12.27 -13.64
CA TYR B 150 -13.72 -11.18 -13.04
C TYR B 150 -13.02 -10.34 -14.10
N LEU B 151 -12.78 -9.07 -13.78
CA LEU B 151 -12.10 -8.15 -14.68
C LEU B 151 -10.58 -8.30 -14.54
N SER B 152 -9.92 -8.63 -15.65
CA SER B 152 -8.49 -8.87 -15.68
C SER B 152 -7.70 -7.62 -16.07
N CYS B 153 -8.16 -6.89 -17.08
CA CYS B 153 -7.46 -5.72 -17.56
C CYS B 153 -8.46 -4.74 -18.14
N CYS B 154 -8.07 -3.48 -18.20
CA CYS B 154 -8.86 -2.43 -18.83
C CYS B 154 -7.91 -1.36 -19.34
N ARG B 155 -8.27 -0.76 -20.47
CA ARG B 155 -7.47 0.31 -21.06
C ARG B 155 -8.41 1.31 -21.71
N PHE B 156 -8.22 2.58 -21.40
CA PHE B 156 -8.99 3.66 -22.01
C PHE B 156 -8.56 3.85 -23.45
N LEU B 157 -9.51 3.77 -24.38
CA LEU B 157 -9.25 4.23 -25.74
C LEU B 157 -9.34 5.74 -25.84
N ASP B 158 -10.12 6.36 -24.97
CA ASP B 158 -10.60 7.73 -25.10
C ASP B 158 -11.35 8.02 -23.82
N ASP B 159 -11.77 9.27 -23.65
CA ASP B 159 -12.54 9.64 -22.48
C ASP B 159 -13.88 8.91 -22.40
N ASN B 160 -14.40 8.41 -23.52
CA ASN B 160 -15.71 7.78 -23.54
C ASN B 160 -15.70 6.34 -24.02
N GLN B 161 -14.53 5.79 -24.36
CA GLN B 161 -14.43 4.41 -24.81
C GLN B 161 -13.42 3.66 -23.95
N ILE B 162 -13.75 2.43 -23.59
CA ILE B 162 -12.84 1.62 -22.79
C ILE B 162 -12.95 0.16 -23.22
N VAL B 163 -11.81 -0.53 -23.26
CA VAL B 163 -11.76 -1.95 -23.63
C VAL B 163 -11.36 -2.75 -22.40
N THR B 164 -12.12 -3.80 -22.11
CA THR B 164 -11.90 -4.63 -20.93
C THR B 164 -11.77 -6.09 -21.33
N SER B 165 -11.04 -6.84 -20.51
CA SER B 165 -10.89 -8.29 -20.65
C SER B 165 -11.33 -8.92 -19.34
N SER B 166 -12.01 -10.05 -19.46
CA SER B 166 -12.55 -10.69 -18.25
C SER B 166 -12.39 -12.21 -18.29
N GLY B 167 -12.46 -12.84 -17.14
CA GLY B 167 -12.33 -14.27 -16.97
C GLY B 167 -13.43 -15.10 -17.61
N ASP B 168 -14.46 -14.46 -18.16
CA ASP B 168 -15.46 -15.18 -18.94
C ASP B 168 -15.05 -15.37 -20.40
N THR B 169 -13.75 -15.24 -20.70
CA THR B 169 -13.15 -15.59 -22.00
C THR B 169 -13.52 -14.61 -23.10
N THR B 170 -13.91 -13.38 -22.75
CA THR B 170 -14.29 -12.39 -23.76
C THR B 170 -13.69 -11.04 -23.41
N CYS B 171 -13.49 -10.22 -24.44
CA CYS B 171 -13.21 -8.80 -24.27
C CYS B 171 -14.42 -7.98 -24.67
N ALA B 172 -14.43 -6.71 -24.28
CA ALA B 172 -15.59 -5.87 -24.54
C ALA B 172 -15.16 -4.42 -24.71
N LEU B 173 -15.61 -3.80 -25.80
CA LEU B 173 -15.52 -2.36 -25.98
C LEU B 173 -16.81 -1.70 -25.48
N TRP B 174 -16.65 -0.74 -24.57
CA TRP B 174 -17.74 -0.06 -23.89
C TRP B 174 -17.73 1.41 -24.27
N ASP B 175 -18.93 1.93 -24.58
CA ASP B 175 -19.17 3.36 -24.65
C ASP B 175 -19.57 3.83 -23.26
N ILE B 176 -18.71 4.66 -22.64
CA ILE B 176 -18.91 5.02 -21.25
C ILE B 176 -20.09 5.96 -21.05
N GLU B 177 -20.48 6.74 -22.06
CA GLU B 177 -21.57 7.68 -21.86
C GLU B 177 -22.91 6.98 -21.59
N THR B 178 -23.09 5.78 -22.12
CA THR B 178 -24.32 5.03 -21.90
C THR B 178 -24.16 3.82 -20.98
N GLY B 179 -22.94 3.33 -20.78
CA GLY B 179 -22.72 2.17 -19.93
C GLY B 179 -22.95 0.84 -20.61
N GLN B 180 -23.09 0.81 -21.93
CA GLN B 180 -23.33 -0.41 -22.67
C GLN B 180 -22.09 -0.77 -23.47
N GLN B 181 -21.79 -2.06 -23.54
CA GLN B 181 -20.67 -2.50 -24.37
C GLN B 181 -21.10 -2.46 -25.82
N THR B 182 -20.43 -1.63 -26.62
CA THR B 182 -20.74 -1.55 -28.03
C THR B 182 -20.28 -2.81 -28.76
N THR B 183 -19.15 -3.39 -28.36
CA THR B 183 -18.62 -4.53 -29.07
C THR B 183 -18.22 -5.62 -28.08
N THR B 184 -18.45 -6.87 -28.45
CA THR B 184 -17.97 -8.02 -27.71
C THR B 184 -17.01 -8.80 -28.59
N PHE B 185 -15.86 -9.17 -28.04
CA PHE B 185 -14.82 -9.90 -28.74
C PHE B 185 -14.76 -11.30 -28.14
N THR B 186 -15.15 -12.28 -28.93
CA THR B 186 -15.18 -13.68 -28.52
C THR B 186 -14.26 -14.50 -29.41
N GLY B 187 -13.82 -15.64 -28.88
CA GLY B 187 -12.93 -16.51 -29.61
C GLY B 187 -11.90 -17.19 -28.73
N HIS B 188 -11.55 -16.57 -27.61
CA HIS B 188 -10.65 -17.18 -26.65
C HIS B 188 -11.36 -18.32 -25.92
N THR B 189 -10.62 -19.39 -25.67
CA THR B 189 -11.16 -20.54 -24.96
C THR B 189 -10.98 -20.42 -23.44
N GLY B 190 -9.83 -19.90 -22.99
CA GLY B 190 -9.59 -19.69 -21.58
C GLY B 190 -9.80 -18.24 -21.18
N ASP B 191 -9.66 -17.99 -19.88
CA ASP B 191 -9.83 -16.64 -19.34
C ASP B 191 -8.80 -15.70 -19.97
N VAL B 192 -9.27 -14.53 -20.40
CA VAL B 192 -8.37 -13.51 -20.93
C VAL B 192 -7.73 -12.79 -19.75
N MET B 193 -6.40 -12.79 -19.71
CA MET B 193 -5.65 -12.24 -18.58
C MET B 193 -5.13 -10.84 -18.83
N SER B 194 -4.70 -10.54 -20.04
CA SER B 194 -3.98 -9.32 -20.35
C SER B 194 -4.53 -8.65 -21.60
N LEU B 195 -4.18 -7.37 -21.75
CA LEU B 195 -4.68 -6.52 -22.81
C LEU B 195 -3.62 -5.49 -23.14
N SER B 196 -3.46 -5.19 -24.43
CA SER B 196 -2.53 -4.14 -24.85
C SER B 196 -3.05 -3.43 -26.09
N LEU B 197 -3.14 -2.12 -26.02
CA LEU B 197 -3.62 -1.29 -27.12
C LEU B 197 -2.47 -0.88 -28.02
N ALA B 198 -2.73 -0.86 -29.32
CA ALA B 198 -1.76 -0.33 -30.26
C ALA B 198 -1.66 1.19 -30.10
N PRO B 199 -0.50 1.77 -30.43
CA PRO B 199 -0.36 3.23 -30.29
C PRO B 199 -1.37 4.03 -31.10
N ASP B 200 -1.90 3.46 -32.18
CA ASP B 200 -2.94 4.10 -32.96
C ASP B 200 -4.35 3.77 -32.48
N THR B 201 -4.49 2.83 -31.55
CA THR B 201 -5.77 2.40 -30.97
C THR B 201 -6.76 1.89 -32.02
N ARG B 202 -6.28 1.53 -33.20
CA ARG B 202 -7.13 0.86 -34.18
C ARG B 202 -7.23 -0.63 -33.90
N LEU B 203 -6.23 -1.20 -33.24
CA LEU B 203 -6.13 -2.62 -33.00
C LEU B 203 -5.78 -2.85 -31.53
N PHE B 204 -6.05 -4.06 -31.05
CA PHE B 204 -5.52 -4.42 -29.74
C PHE B 204 -5.27 -5.93 -29.68
N VAL B 205 -4.36 -6.31 -28.80
CA VAL B 205 -3.93 -7.69 -28.65
C VAL B 205 -4.27 -8.14 -27.24
N SER B 206 -4.68 -9.40 -27.11
CA SER B 206 -5.06 -9.96 -25.82
C SER B 206 -4.49 -11.35 -25.67
N GLY B 207 -3.99 -11.64 -24.48
CA GLY B 207 -3.50 -12.98 -24.13
C GLY B 207 -4.43 -13.64 -23.13
N ALA B 208 -4.63 -14.95 -23.27
CA ALA B 208 -5.55 -15.68 -22.43
C ALA B 208 -4.90 -16.96 -21.91
N CYS B 209 -5.67 -17.72 -21.13
CA CYS B 209 -5.22 -18.95 -20.50
C CYS B 209 -5.11 -20.12 -21.46
N ASP B 210 -5.65 -20.01 -22.68
CA ASP B 210 -5.45 -21.03 -23.69
C ASP B 210 -4.07 -20.96 -24.33
N ALA B 211 -3.16 -20.19 -23.75
CA ALA B 211 -1.77 -20.04 -24.22
C ALA B 211 -1.70 -19.44 -25.63
N SER B 212 -2.69 -18.62 -26.00
CA SER B 212 -2.70 -17.98 -27.30
C SER B 212 -2.97 -16.50 -27.14
N ALA B 213 -2.47 -15.72 -28.08
CA ALA B 213 -2.73 -14.29 -28.16
C ALA B 213 -3.52 -14.00 -29.42
N LYS B 214 -4.47 -13.08 -29.31
CA LYS B 214 -5.32 -12.72 -30.44
C LYS B 214 -5.24 -11.23 -30.71
N LEU B 215 -5.20 -10.86 -31.99
CA LEU B 215 -5.24 -9.43 -32.36
C LEU B 215 -6.63 -9.12 -32.91
N TRP B 216 -7.32 -8.10 -32.38
CA TRP B 216 -8.71 -7.83 -32.81
C TRP B 216 -8.82 -6.42 -33.39
N ASP B 217 -9.68 -6.22 -34.40
CA ASP B 217 -9.91 -4.84 -34.92
C ASP B 217 -10.98 -4.21 -34.05
N VAL B 218 -10.67 -3.10 -33.38
CA VAL B 218 -11.64 -2.51 -32.46
C VAL B 218 -12.92 -2.11 -33.18
N ARG B 219 -12.80 -1.52 -34.37
CA ARG B 219 -13.98 -1.05 -35.09
C ARG B 219 -14.81 -2.20 -35.65
N GLU B 220 -14.16 -3.16 -36.32
CA GLU B 220 -14.91 -4.26 -36.91
C GLU B 220 -15.26 -5.35 -35.90
N GLY B 221 -14.65 -5.34 -34.72
CA GLY B 221 -15.03 -6.26 -33.67
C GLY B 221 -14.78 -7.72 -33.99
N MET B 222 -13.72 -8.03 -34.74
CA MET B 222 -13.41 -9.40 -35.09
C MET B 222 -11.94 -9.66 -34.85
N CYS B 223 -11.60 -10.93 -34.71
CA CYS B 223 -10.22 -11.35 -34.50
C CYS B 223 -9.50 -11.31 -35.84
N ARG B 224 -8.44 -10.50 -35.91
CA ARG B 224 -7.64 -10.43 -37.12
C ARG B 224 -6.65 -11.59 -37.19
N GLN B 225 -5.99 -11.89 -36.08
CA GLN B 225 -4.92 -12.89 -36.12
C GLN B 225 -4.82 -13.63 -34.80
N THR B 226 -4.20 -14.81 -34.85
CA THR B 226 -3.95 -15.64 -33.67
C THR B 226 -2.49 -16.08 -33.65
N PHE B 227 -1.88 -16.02 -32.46
CA PHE B 227 -0.47 -16.35 -32.26
C PHE B 227 -0.39 -17.39 -31.17
N THR B 228 0.24 -18.53 -31.47
CA THR B 228 0.29 -19.68 -30.58
C THR B 228 1.72 -20.20 -30.52
N GLY B 229 2.50 -19.72 -29.56
CA GLY B 229 3.81 -20.27 -29.33
C GLY B 229 4.07 -20.69 -27.89
N HIS B 230 3.33 -20.12 -26.95
CA HIS B 230 3.58 -20.36 -25.54
C HIS B 230 3.06 -21.73 -25.11
N GLU B 231 3.70 -22.28 -24.09
CA GLU B 231 3.33 -23.59 -23.57
C GLU B 231 2.35 -23.53 -22.42
N SER B 232 2.07 -22.34 -21.87
CA SER B 232 1.20 -22.23 -20.72
C SER B 232 0.49 -20.87 -20.77
N ASP B 233 -0.18 -20.53 -19.67
CA ASP B 233 -1.05 -19.36 -19.64
C ASP B 233 -0.27 -18.08 -19.87
N ILE B 234 -0.82 -17.20 -20.71
CA ILE B 234 -0.21 -15.90 -20.97
C ILE B 234 -0.75 -14.90 -19.96
N ASN B 235 0.13 -14.36 -19.12
CA ASN B 235 -0.25 -13.41 -18.09
C ASN B 235 -0.04 -11.96 -18.49
N ALA B 236 0.89 -11.69 -19.42
CA ALA B 236 1.28 -10.34 -19.76
C ALA B 236 1.43 -10.20 -21.26
N ILE B 237 1.10 -9.01 -21.76
CA ILE B 237 1.21 -8.71 -23.19
C ILE B 237 1.50 -7.22 -23.34
N CYS B 238 2.31 -6.88 -24.35
CA CYS B 238 2.71 -5.49 -24.55
C CYS B 238 3.09 -5.27 -26.01
N PHE B 239 2.69 -4.12 -26.56
CA PHE B 239 3.03 -3.73 -27.92
C PHE B 239 4.42 -3.13 -28.02
N PHE B 240 5.13 -3.47 -29.09
CA PHE B 240 6.33 -2.76 -29.47
C PHE B 240 5.99 -1.32 -29.86
N PRO B 241 6.87 -0.36 -29.58
CA PRO B 241 6.56 1.04 -29.88
C PRO B 241 6.21 1.31 -31.33
N ASN B 242 6.77 0.54 -32.27
CA ASN B 242 6.40 0.69 -33.67
C ASN B 242 4.93 0.36 -33.91
N GLY B 243 4.42 -0.66 -33.21
CA GLY B 243 3.07 -1.14 -33.42
C GLY B 243 2.95 -2.35 -34.32
N ASN B 244 4.08 -2.85 -34.84
CA ASN B 244 4.07 -4.03 -35.70
C ASN B 244 4.49 -5.30 -34.98
N ALA B 245 4.74 -5.22 -33.67
CA ALA B 245 5.16 -6.37 -32.90
C ALA B 245 4.59 -6.24 -31.50
N PHE B 246 4.53 -7.38 -30.81
CA PHE B 246 4.12 -7.38 -29.41
C PHE B 246 4.85 -8.49 -28.68
N ALA B 247 4.99 -8.32 -27.37
CA ALA B 247 5.66 -9.29 -26.51
C ALA B 247 4.67 -9.89 -25.53
N THR B 248 4.80 -11.19 -25.28
CA THR B 248 3.96 -11.92 -24.34
C THR B 248 4.82 -12.51 -23.24
N GLY B 249 4.28 -12.53 -22.03
CA GLY B 249 4.92 -13.21 -20.92
C GLY B 249 4.03 -14.29 -20.33
N SER B 250 4.54 -15.51 -20.24
CA SER B 250 3.78 -16.66 -19.80
C SER B 250 4.34 -17.19 -18.48
N ASP B 251 3.66 -18.19 -17.92
CA ASP B 251 4.18 -18.85 -16.73
C ASP B 251 4.99 -20.10 -17.07
N ASP B 252 5.36 -20.28 -18.33
CA ASP B 252 6.41 -21.23 -18.69
C ASP B 252 7.81 -20.60 -18.60
N ALA B 253 7.94 -19.51 -17.84
CA ALA B 253 9.22 -18.85 -17.57
C ALA B 253 9.84 -18.25 -18.83
N THR B 254 9.01 -17.89 -19.81
CA THR B 254 9.49 -17.44 -21.10
C THR B 254 8.73 -16.19 -21.52
N CYS B 255 9.44 -15.26 -22.15
CA CYS B 255 8.82 -14.16 -22.88
C CYS B 255 9.01 -14.41 -24.37
N ARG B 256 8.07 -13.92 -25.18
CA ARG B 256 8.14 -14.14 -26.62
C ARG B 256 7.81 -12.86 -27.36
N LEU B 257 8.37 -12.74 -28.56
CA LEU B 257 8.15 -11.61 -29.45
C LEU B 257 7.46 -12.09 -30.72
N PHE B 258 6.37 -11.44 -31.09
CA PHE B 258 5.55 -11.80 -32.24
C PHE B 258 5.46 -10.60 -33.17
N ASP B 259 5.67 -10.82 -34.46
CA ASP B 259 5.52 -9.78 -35.47
C ASP B 259 4.14 -9.89 -36.11
N LEU B 260 3.46 -8.75 -36.21
CA LEU B 260 2.13 -8.73 -36.79
C LEU B 260 2.16 -9.00 -38.30
N ARG B 261 3.12 -8.38 -39.00
CA ARG B 261 3.14 -8.52 -40.45
C ARG B 261 3.70 -9.86 -40.89
N ALA B 262 4.68 -10.40 -40.17
CA ALA B 262 5.18 -11.74 -40.47
C ALA B 262 4.27 -12.84 -39.93
N ASP B 263 3.39 -12.50 -38.98
CA ASP B 263 2.34 -13.41 -38.49
C ASP B 263 2.91 -14.60 -37.72
N GLN B 264 4.01 -14.41 -37.00
CA GLN B 264 4.61 -15.50 -36.26
C GLN B 264 5.54 -14.94 -35.19
N GLU B 265 6.24 -15.84 -34.52
CA GLU B 265 7.12 -15.50 -33.40
C GLU B 265 8.54 -15.26 -33.90
N LEU B 266 9.20 -14.27 -33.31
CA LEU B 266 10.53 -13.86 -33.73
C LEU B 266 11.63 -14.20 -32.74
N MET B 267 11.35 -14.13 -31.44
CA MET B 267 12.42 -14.23 -30.47
C MET B 267 11.86 -14.75 -29.14
N THR B 268 12.68 -15.52 -28.44
CA THR B 268 12.34 -16.10 -27.15
C THR B 268 13.32 -15.58 -26.10
N TYR B 269 12.80 -15.10 -24.98
CA TYR B 269 13.59 -14.55 -23.88
C TYR B 269 13.43 -15.47 -22.68
N SER B 270 14.47 -16.26 -22.43
CA SER B 270 14.44 -17.29 -21.40
C SER B 270 15.86 -17.57 -20.94
N HIS B 271 15.96 -18.22 -19.79
CA HIS B 271 17.24 -18.57 -19.19
C HIS B 271 17.04 -19.82 -18.35
N ASP B 272 18.10 -20.61 -18.20
CA ASP B 272 18.01 -21.81 -17.37
C ASP B 272 17.79 -21.46 -15.90
N ASN B 273 18.41 -20.38 -15.42
CA ASN B 273 18.24 -19.96 -14.03
C ASN B 273 16.82 -19.47 -13.74
N ILE B 274 16.07 -19.08 -14.77
CA ILE B 274 14.71 -18.56 -14.56
C ILE B 274 13.73 -19.73 -14.66
N ILE B 275 12.93 -19.91 -13.61
CA ILE B 275 11.99 -21.02 -13.53
C ILE B 275 10.57 -20.47 -13.38
N CYS B 276 10.45 -19.29 -12.79
CA CYS B 276 9.16 -18.71 -12.48
C CYS B 276 8.54 -18.04 -13.71
N GLY B 277 7.23 -17.82 -13.63
CA GLY B 277 6.51 -17.22 -14.72
C GLY B 277 6.54 -15.70 -14.72
N ILE B 278 6.21 -15.13 -15.87
CA ILE B 278 6.19 -13.69 -16.06
C ILE B 278 4.89 -13.14 -15.51
N THR B 279 4.97 -12.02 -14.79
CA THR B 279 3.78 -11.31 -14.36
C THR B 279 3.48 -10.10 -15.23
N SER B 280 4.51 -9.45 -15.78
CA SER B 280 4.32 -8.21 -16.52
C SER B 280 5.47 -8.05 -17.49
N VAL B 281 5.18 -7.43 -18.64
CA VAL B 281 6.18 -7.09 -19.64
C VAL B 281 5.96 -5.65 -20.08
N SER B 282 7.06 -4.99 -20.45
CA SER B 282 6.99 -3.65 -21.01
C SER B 282 8.24 -3.40 -21.83
N PHE B 283 8.12 -2.52 -22.81
CA PHE B 283 9.23 -2.17 -23.68
C PHE B 283 9.84 -0.85 -23.25
N SER B 284 11.06 -0.60 -23.72
CA SER B 284 11.69 0.69 -23.57
C SER B 284 11.17 1.63 -24.67
N LYS B 285 11.58 2.91 -24.57
CA LYS B 285 11.03 3.92 -25.47
C LYS B 285 11.36 3.63 -26.92
N SER B 286 12.59 3.18 -27.21
CA SER B 286 12.95 2.77 -28.55
C SER B 286 12.65 1.31 -28.83
N GLY B 287 12.21 0.56 -27.82
CA GLY B 287 11.96 -0.86 -27.96
C GLY B 287 13.19 -1.73 -27.93
N ARG B 288 14.36 -1.16 -27.64
CA ARG B 288 15.58 -1.95 -27.60
C ARG B 288 15.64 -2.84 -26.36
N LEU B 289 15.08 -2.39 -25.24
CA LEU B 289 15.05 -3.17 -24.01
C LEU B 289 13.64 -3.64 -23.73
N LEU B 290 13.53 -4.88 -23.28
CA LEU B 290 12.28 -5.46 -22.82
C LEU B 290 12.39 -5.76 -21.33
N LEU B 291 11.46 -5.22 -20.55
CA LEU B 291 11.48 -5.40 -19.11
C LEU B 291 10.38 -6.38 -18.70
N ALA B 292 10.73 -7.36 -17.88
CA ALA B 292 9.77 -8.37 -17.45
C ALA B 292 9.89 -8.60 -15.95
N GLY B 293 8.76 -8.60 -15.27
CA GLY B 293 8.74 -8.92 -13.85
C GLY B 293 8.40 -10.38 -13.60
N TYR B 294 8.98 -10.95 -12.54
CA TYR B 294 8.83 -12.37 -12.31
C TYR B 294 8.31 -12.63 -10.90
N ASP B 295 7.97 -13.91 -10.65
CA ASP B 295 7.66 -14.38 -9.31
C ASP B 295 8.89 -14.54 -8.44
N ASP B 296 10.09 -14.52 -9.02
CA ASP B 296 11.32 -14.66 -8.24
C ASP B 296 11.75 -13.37 -7.57
N PHE B 297 10.81 -12.42 -7.44
CA PHE B 297 10.92 -11.19 -6.66
C PHE B 297 11.70 -10.09 -7.37
N ASN B 298 11.99 -10.20 -8.66
CA ASN B 298 12.68 -9.12 -9.33
C ASN B 298 12.29 -9.06 -10.80
N CYS B 299 12.89 -8.10 -11.50
CA CYS B 299 12.64 -7.86 -12.90
C CYS B 299 13.92 -8.07 -13.70
N ASN B 300 13.77 -8.56 -14.93
CA ASN B 300 14.87 -8.77 -15.84
C ASN B 300 14.76 -7.81 -17.01
N VAL B 301 15.90 -7.25 -17.40
CA VAL B 301 16.00 -6.35 -18.54
C VAL B 301 16.72 -7.13 -19.63
N TRP B 302 16.00 -7.40 -20.71
CA TRP B 302 16.52 -8.13 -21.86
C TRP B 302 16.85 -7.17 -22.99
N ASP B 303 17.92 -7.47 -23.70
CA ASP B 303 18.14 -6.87 -25.02
C ASP B 303 17.14 -7.50 -25.99
N ALA B 304 16.13 -6.73 -26.38
CA ALA B 304 15.04 -7.27 -27.18
C ALA B 304 15.53 -7.76 -28.53
N LEU B 305 16.60 -7.17 -29.05
CA LEU B 305 17.10 -7.56 -30.38
C LEU B 305 18.00 -8.78 -30.29
N LYS B 306 18.83 -8.89 -29.26
CA LYS B 306 19.81 -9.96 -29.15
C LYS B 306 19.39 -11.04 -28.16
N ALA B 307 18.30 -10.85 -27.41
CA ALA B 307 17.75 -11.86 -26.51
C ALA B 307 18.73 -12.27 -25.42
N ASP B 308 19.63 -11.38 -25.04
CA ASP B 308 20.50 -11.64 -23.90
C ASP B 308 20.11 -10.72 -22.75
N ARG B 309 20.30 -11.21 -21.53
CA ARG B 309 19.91 -10.46 -20.35
C ARG B 309 20.85 -9.28 -20.16
N ALA B 310 20.30 -8.07 -20.20
CA ALA B 310 21.10 -6.86 -20.06
C ALA B 310 21.21 -6.39 -18.62
N GLY B 311 20.20 -6.65 -17.79
CA GLY B 311 20.28 -6.18 -16.42
C GLY B 311 19.22 -6.83 -15.55
N VAL B 312 19.22 -6.46 -14.27
CA VAL B 312 18.18 -7.00 -13.33
C VAL B 312 17.74 -5.88 -12.38
N LEU B 313 16.43 -5.77 -12.12
CA LEU B 313 15.91 -4.74 -11.20
C LEU B 313 15.48 -5.40 -9.88
N ALA B 314 16.45 -5.88 -9.09
CA ALA B 314 16.12 -6.58 -7.83
C ALA B 314 15.75 -5.55 -6.76
N GLY B 315 14.46 -5.48 -6.41
CA GLY B 315 13.99 -4.52 -5.39
C GLY B 315 12.54 -4.76 -5.00
N HIS B 316 12.20 -6.01 -4.67
CA HIS B 316 10.81 -6.33 -4.23
C HIS B 316 10.81 -7.60 -3.38
N ASP B 317 10.67 -7.45 -2.06
CA ASP B 317 10.73 -8.62 -1.14
C ASP B 317 9.67 -9.65 -1.55
N ASN B 318 8.78 -9.28 -2.47
CA ASN B 318 7.68 -10.21 -2.87
C ASN B 318 7.56 -10.21 -4.40
N ARG B 319 6.63 -11.02 -4.93
CA ARG B 319 6.47 -11.12 -6.37
C ARG B 319 6.19 -9.76 -7.00
N VAL B 320 6.92 -9.45 -8.06
CA VAL B 320 6.70 -8.23 -8.83
C VAL B 320 5.44 -8.44 -9.67
N SER B 321 4.38 -7.70 -9.34
CA SER B 321 3.08 -7.92 -9.97
C SER B 321 2.85 -7.02 -11.18
N CYS B 322 3.41 -5.81 -11.20
CA CYS B 322 3.12 -4.88 -12.27
C CYS B 322 4.35 -4.04 -12.55
N LEU B 323 4.46 -3.57 -13.79
CA LEU B 323 5.57 -2.67 -14.14
C LEU B 323 5.17 -1.87 -15.37
N GLY B 324 5.67 -0.64 -15.44
CA GLY B 324 5.39 0.23 -16.56
C GLY B 324 6.46 1.27 -16.84
N VAL B 325 6.67 1.58 -18.11
CA VAL B 325 7.65 2.58 -18.53
C VAL B 325 6.90 3.84 -18.91
N THR B 326 7.46 4.99 -18.55
CA THR B 326 6.84 6.28 -18.85
C THR B 326 6.74 6.50 -20.35
N ASP B 327 5.89 7.46 -20.73
CA ASP B 327 5.77 7.83 -22.14
C ASP B 327 7.06 8.47 -22.67
N ASP B 328 7.71 9.30 -21.85
CA ASP B 328 9.00 9.85 -22.25
C ASP B 328 10.14 8.85 -22.15
N GLY B 329 9.91 7.68 -21.56
CA GLY B 329 10.93 6.69 -21.41
C GLY B 329 11.95 6.97 -20.34
N MET B 330 11.70 7.93 -19.46
CA MET B 330 12.69 8.32 -18.46
C MET B 330 12.86 7.24 -17.39
N ALA B 331 11.75 6.75 -16.83
CA ALA B 331 11.80 5.92 -15.65
C ALA B 331 10.95 4.68 -15.82
N VAL B 332 11.19 3.69 -14.97
CA VAL B 332 10.36 2.49 -14.89
C VAL B 332 9.73 2.46 -13.50
N ALA B 333 8.53 1.91 -13.42
CA ALA B 333 7.84 1.72 -12.15
C ALA B 333 7.53 0.24 -11.97
N THR B 334 7.83 -0.29 -10.79
CA THR B 334 7.49 -1.67 -10.43
C THR B 334 6.66 -1.67 -9.18
N GLY B 335 5.54 -2.38 -9.22
CA GLY B 335 4.71 -2.63 -8.06
C GLY B 335 4.73 -4.12 -7.75
N SER B 336 4.80 -4.45 -6.47
CA SER B 336 5.03 -5.80 -6.04
C SER B 336 4.03 -6.18 -4.95
N TRP B 337 4.07 -7.45 -4.56
CA TRP B 337 3.21 -7.97 -3.51
C TRP B 337 3.66 -7.57 -2.11
N ASP B 338 4.82 -6.95 -1.98
CA ASP B 338 5.30 -6.43 -0.70
C ASP B 338 4.77 -5.04 -0.38
N SER B 339 3.78 -4.56 -1.15
CA SER B 339 3.05 -3.31 -0.89
C SER B 339 3.91 -2.06 -1.14
N PHE B 340 4.87 -2.14 -2.04
CA PHE B 340 5.71 -1.00 -2.36
C PHE B 340 5.78 -0.78 -3.86
N LEU B 341 5.90 0.49 -4.23
CA LEU B 341 6.15 0.90 -5.60
C LEU B 341 7.54 1.51 -5.67
N LYS B 342 8.32 1.07 -6.63
CA LYS B 342 9.69 1.55 -6.81
C LYS B 342 9.86 2.12 -8.21
N ILE B 343 10.55 3.25 -8.30
CA ILE B 343 10.82 3.90 -9.57
C ILE B 343 12.31 3.79 -9.83
N TRP B 344 12.67 3.36 -11.03
CA TRP B 344 14.03 3.03 -11.40
C TRP B 344 14.50 3.91 -12.54
N ASN B 345 15.74 4.39 -12.45
CA ASN B 345 16.32 5.25 -13.52
C ASN B 345 17.61 4.60 -14.04
N ILE C 9 -21.23 -28.42 -34.87
CA ILE C 9 -22.54 -27.79 -35.06
C ILE C 9 -22.32 -26.38 -35.60
N ALA C 10 -22.85 -25.38 -34.90
CA ALA C 10 -22.63 -24.00 -35.28
C ALA C 10 -21.23 -23.52 -34.88
N GLN C 11 -20.71 -24.03 -33.77
CA GLN C 11 -19.34 -23.69 -33.37
C GLN C 11 -18.34 -24.14 -34.42
N ALA C 12 -18.60 -25.28 -35.06
CA ALA C 12 -17.76 -25.72 -36.16
C ALA C 12 -17.80 -24.72 -37.31
N ARG C 13 -18.98 -24.21 -37.64
CA ARG C 13 -19.09 -23.18 -38.67
C ARG C 13 -18.27 -21.95 -38.29
N LYS C 14 -18.38 -21.53 -37.02
CA LYS C 14 -17.66 -20.33 -36.58
C LYS C 14 -16.15 -20.52 -36.68
N LEU C 15 -15.65 -21.67 -36.23
CA LEU C 15 -14.21 -21.90 -36.27
C LEU C 15 -13.71 -22.05 -37.70
N VAL C 16 -14.50 -22.67 -38.58
CA VAL C 16 -14.09 -22.80 -39.97
C VAL C 16 -14.03 -21.43 -40.63
N GLU C 17 -15.04 -20.59 -40.39
CA GLU C 17 -15.01 -19.23 -40.94
C GLU C 17 -13.83 -18.43 -40.41
N GLN C 18 -13.56 -18.54 -39.10
CA GLN C 18 -12.43 -17.81 -38.52
C GLN C 18 -11.10 -18.27 -39.10
N LEU C 19 -10.93 -19.58 -39.26
CA LEU C 19 -9.70 -20.09 -39.83
C LEU C 19 -9.54 -19.69 -41.30
N LYS C 20 -10.65 -19.63 -42.04
CA LYS C 20 -10.56 -19.11 -43.41
C LYS C 20 -10.16 -17.64 -43.42
N MET C 21 -10.72 -16.84 -42.52
CA MET C 21 -10.37 -15.43 -42.48
C MET C 21 -8.91 -15.22 -42.10
N GLU C 22 -8.41 -15.99 -41.14
CA GLU C 22 -7.03 -15.84 -40.70
C GLU C 22 -6.02 -16.43 -41.67
N ALA C 23 -6.46 -17.24 -42.64
CA ALA C 23 -5.58 -17.89 -43.58
C ALA C 23 -5.40 -17.12 -44.88
N ASN C 24 -6.07 -15.98 -45.04
CA ASN C 24 -6.04 -15.22 -46.28
C ASN C 24 -5.29 -13.90 -46.15
N ILE C 25 -4.60 -13.68 -45.04
CA ILE C 25 -3.86 -12.45 -44.85
C ILE C 25 -2.53 -12.52 -45.60
N ASP C 26 -2.04 -11.37 -46.05
CA ASP C 26 -0.74 -11.30 -46.69
C ASP C 26 0.36 -11.16 -45.64
N ARG C 27 1.42 -11.95 -45.81
CA ARG C 27 2.52 -11.99 -44.86
C ARG C 27 3.82 -11.56 -45.52
N ILE C 28 4.58 -10.73 -44.84
CA ILE C 28 5.91 -10.33 -45.27
C ILE C 28 6.93 -11.23 -44.61
N LYS C 29 8.07 -11.41 -45.26
CA LYS C 29 9.09 -12.33 -44.76
C LYS C 29 9.67 -11.84 -43.44
N VAL C 30 10.12 -12.80 -42.63
CA VAL C 30 10.61 -12.51 -41.29
C VAL C 30 11.84 -11.61 -41.34
N SER C 31 12.69 -11.79 -42.34
CA SER C 31 13.88 -10.95 -42.45
C SER C 31 13.52 -9.48 -42.60
N LYS C 32 12.51 -9.18 -43.41
CA LYS C 32 12.09 -7.78 -43.59
C LYS C 32 11.53 -7.20 -42.29
N ALA C 33 10.71 -7.97 -41.57
CA ALA C 33 10.14 -7.49 -40.31
C ALA C 33 11.23 -7.28 -39.26
N ALA C 34 12.19 -8.20 -39.18
CA ALA C 34 13.29 -8.04 -38.24
C ALA C 34 14.16 -6.85 -38.60
N ALA C 35 14.39 -6.63 -39.90
CA ALA C 35 15.13 -5.44 -40.33
C ALA C 35 14.38 -4.17 -39.96
N ASP C 36 13.05 -4.18 -40.10
CA ASP C 36 12.26 -3.01 -39.71
C ASP C 36 12.34 -2.75 -38.21
N LEU C 37 12.30 -3.81 -37.40
CA LEU C 37 12.46 -3.63 -35.95
C LEU C 37 13.83 -3.06 -35.62
N MET C 38 14.88 -3.60 -36.25
CA MET C 38 16.23 -3.09 -36.04
C MET C 38 16.35 -1.64 -36.46
N ALA C 39 15.74 -1.29 -37.59
CA ALA C 39 15.76 0.09 -38.06
C ALA C 39 15.07 1.03 -37.08
N TYR C 40 13.92 0.61 -36.55
CA TYR C 40 13.23 1.44 -35.56
C TYR C 40 14.09 1.63 -34.33
N CYS C 41 14.76 0.56 -33.88
CA CYS C 41 15.61 0.68 -32.70
C CYS C 41 16.78 1.63 -32.95
N GLU C 42 17.42 1.53 -34.12
CA GLU C 42 18.55 2.40 -34.42
C GLU C 42 18.11 3.85 -34.59
N ALA C 43 16.94 4.08 -35.16
CA ALA C 43 16.48 5.44 -35.38
C ALA C 43 16.10 6.16 -34.10
N HIS C 44 15.81 5.44 -33.03
CA HIS C 44 15.35 6.03 -31.78
C HIS C 44 16.29 5.74 -30.62
N ALA C 45 17.48 5.19 -30.88
CA ALA C 45 18.38 4.82 -29.81
C ALA C 45 18.90 6.04 -29.06
N LYS C 46 19.23 7.11 -29.78
CA LYS C 46 19.87 8.27 -29.18
C LYS C 46 18.94 9.07 -28.28
N GLU C 47 17.64 8.79 -28.28
CA GLU C 47 16.68 9.50 -27.45
C GLU C 47 15.94 8.57 -26.51
N ASP C 48 16.55 7.43 -26.16
CA ASP C 48 15.97 6.49 -25.22
C ASP C 48 16.69 6.66 -23.87
N PRO C 49 16.04 7.24 -22.86
CA PRO C 49 16.75 7.51 -21.61
C PRO C 49 16.81 6.32 -20.67
N LEU C 50 17.05 5.15 -21.21
CA LEU C 50 17.33 3.95 -20.43
C LEU C 50 18.49 3.15 -20.96
N LEU C 51 18.83 3.29 -22.25
CA LEU C 51 20.04 2.70 -22.79
C LEU C 51 21.27 3.50 -22.38
N THR C 52 21.33 4.76 -22.81
CA THR C 52 22.38 5.67 -22.40
C THR C 52 21.79 6.65 -21.39
N PRO C 53 22.18 6.58 -20.13
CA PRO C 53 21.61 7.50 -19.13
C PRO C 53 21.89 8.96 -19.48
N VAL C 54 20.89 9.81 -19.25
CA VAL C 54 20.98 11.23 -19.50
C VAL C 54 21.74 11.83 -18.32
N PRO C 55 22.50 12.92 -18.49
CA PRO C 55 23.14 13.55 -17.33
C PRO C 55 22.14 13.88 -16.24
N ALA C 56 22.62 13.81 -14.99
CA ALA C 56 21.74 14.02 -13.83
C ALA C 56 21.09 15.39 -13.83
N SER C 57 21.66 16.36 -14.54
CA SER C 57 21.01 17.66 -14.67
C SER C 57 19.68 17.56 -15.39
N GLU C 58 19.54 16.58 -16.29
CA GLU C 58 18.32 16.38 -17.05
C GLU C 58 17.48 15.22 -16.52
N ASN C 59 17.77 14.75 -15.31
CA ASN C 59 17.06 13.62 -14.73
C ASN C 59 16.01 14.12 -13.74
N PRO C 60 14.72 13.98 -14.03
CA PRO C 60 13.70 14.40 -13.06
C PRO C 60 13.74 13.59 -11.77
N PHE C 61 14.33 12.40 -11.80
CA PHE C 61 14.42 11.51 -10.65
C PHE C 61 15.88 11.48 -10.23
N ARG C 62 16.22 12.23 -9.19
CA ARG C 62 17.58 12.28 -8.67
C ARG C 62 18.54 12.80 -9.73
N GLU D 31 43.12 -8.86 39.66
CA GLU D 31 42.01 -9.30 40.49
C GLU D 31 41.04 -10.15 39.68
N PRO D 32 40.77 -11.36 40.16
CA PRO D 32 39.83 -12.25 39.45
C PRO D 32 38.46 -11.62 39.26
N PRO D 33 37.90 -10.91 40.26
CA PRO D 33 36.63 -10.23 40.01
C PRO D 33 36.72 -9.13 38.96
N VAL D 34 37.78 -8.32 39.00
CA VAL D 34 37.92 -7.24 38.03
C VAL D 34 38.08 -7.78 36.63
N ILE D 35 38.92 -8.81 36.44
CA ILE D 35 39.11 -9.38 35.12
C ILE D 35 37.85 -10.09 34.65
N LEU D 36 37.11 -10.71 35.56
CA LEU D 36 35.83 -11.31 35.19
C LEU D 36 34.84 -10.27 34.71
N SER D 37 34.77 -9.13 35.41
CA SER D 37 33.89 -8.04 34.98
C SER D 37 34.33 -7.50 33.62
N MET D 38 35.64 -7.37 33.41
CA MET D 38 36.16 -6.90 32.12
C MET D 38 35.75 -7.83 31.00
N VAL D 39 35.92 -9.15 31.20
CA VAL D 39 35.60 -10.10 30.15
C VAL D 39 34.10 -10.13 29.90
N ILE D 40 33.29 -10.02 30.96
CA ILE D 40 31.84 -10.00 30.79
C ILE D 40 31.42 -8.78 29.99
N LEU D 41 31.92 -7.60 30.37
CA LEU D 41 31.54 -6.37 29.68
C LEU D 41 31.98 -6.41 28.21
N SER D 42 33.22 -6.85 27.95
CA SER D 42 33.70 -6.89 26.57
C SER D 42 32.91 -7.88 25.73
N LEU D 43 32.62 -9.07 26.28
CA LEU D 43 31.87 -10.05 25.51
C LEU D 43 30.45 -9.56 25.23
N THR D 44 29.78 -8.99 26.22
CA THR D 44 28.43 -8.49 26.00
C THR D 44 28.44 -7.35 24.99
N PHE D 45 29.41 -6.45 25.06
CA PHE D 45 29.48 -5.37 24.08
C PHE D 45 29.68 -5.92 22.68
N LEU D 46 30.69 -6.77 22.50
CA LEU D 46 31.02 -7.29 21.17
C LEU D 46 29.95 -8.20 20.60
N LEU D 47 29.09 -8.76 21.46
CA LEU D 47 28.06 -9.72 20.97
C LEU D 47 26.69 -9.03 20.87
N GLY D 48 26.52 -7.88 21.54
CA GLY D 48 25.24 -7.21 21.55
C GLY D 48 25.15 -6.00 20.66
N LEU D 49 26.26 -5.27 20.49
CA LEU D 49 26.23 -4.13 19.57
C LEU D 49 25.85 -4.54 18.15
N PRO D 50 26.50 -5.55 17.53
CA PRO D 50 26.02 -5.99 16.21
C PRO D 50 24.60 -6.55 16.24
N GLY D 51 24.27 -7.35 17.27
CA GLY D 51 22.94 -7.93 17.32
C GLY D 51 21.85 -6.89 17.48
N ASN D 52 22.06 -5.95 18.41
CA ASN D 52 21.08 -4.89 18.61
C ASN D 52 20.98 -3.99 17.38
N GLY D 53 22.13 -3.67 16.77
CA GLY D 53 22.10 -2.86 15.56
C GLY D 53 21.32 -3.54 14.44
N LEU D 54 21.57 -4.83 14.22
CA LEU D 54 20.87 -5.56 13.18
C LEU D 54 19.37 -5.63 13.48
N VAL D 55 19.00 -5.92 14.73
CA VAL D 55 17.59 -6.04 15.07
C VAL D 55 16.89 -4.70 14.88
N LEU D 56 17.51 -3.62 15.35
CA LEU D 56 16.89 -2.30 15.20
C LEU D 56 16.76 -1.92 13.74
N TRP D 57 17.80 -2.17 12.94
CA TRP D 57 17.76 -1.83 11.52
C TRP D 57 16.64 -2.59 10.81
N VAL D 58 16.59 -3.91 11.01
CA VAL D 58 15.58 -4.72 10.33
C VAL D 58 14.18 -4.34 10.78
N ALA D 59 13.98 -4.13 12.09
CA ALA D 59 12.65 -3.86 12.60
C ALA D 59 12.19 -2.43 12.36
N GLY D 60 13.10 -1.50 12.09
CA GLY D 60 12.69 -0.12 11.89
C GLY D 60 12.70 0.33 10.45
N LEU D 61 13.47 -0.34 9.60
CA LEU D 61 13.60 0.09 8.21
C LEU D 61 12.95 -0.84 7.20
N LYS D 62 12.69 -2.09 7.56
CA LYS D 62 12.16 -3.06 6.61
C LYS D 62 10.75 -3.54 6.94
N MET D 63 10.45 -3.77 8.21
CA MET D 63 9.16 -4.35 8.60
C MET D 63 8.08 -3.30 8.73
N GLN D 64 6.84 -3.76 8.59
CA GLN D 64 5.68 -2.90 8.83
C GLN D 64 5.56 -2.60 10.33
N ARG D 65 4.95 -1.46 10.63
CA ARG D 65 4.86 -0.97 12.00
C ARG D 65 3.66 -1.62 12.67
N THR D 66 3.91 -2.72 13.38
CA THR D 66 2.88 -3.43 14.12
C THR D 66 3.01 -3.13 15.61
N VAL D 67 2.03 -3.60 16.37
CA VAL D 67 2.06 -3.41 17.82
C VAL D 67 3.22 -4.20 18.43
N ASN D 68 3.46 -5.42 17.94
CA ASN D 68 4.55 -6.23 18.43
C ASN D 68 5.91 -5.69 18.03
N THR D 69 5.97 -4.75 17.09
CA THR D 69 7.23 -4.17 16.65
C THR D 69 7.62 -2.95 17.48
N ILE D 70 6.66 -2.24 18.05
CA ILE D 70 6.97 -1.08 18.89
C ILE D 70 7.76 -1.52 20.12
N TRP D 71 7.32 -2.60 20.76
CA TRP D 71 8.03 -3.10 21.94
C TRP D 71 9.47 -3.47 21.58
N PHE D 72 9.66 -4.17 20.46
CA PHE D 72 10.99 -4.57 20.05
C PHE D 72 11.86 -3.36 19.73
N LEU D 73 11.28 -2.35 19.08
CA LEU D 73 12.02 -1.13 18.78
C LEU D 73 12.52 -0.46 20.05
N HIS D 74 11.62 -0.28 21.02
CA HIS D 74 12.01 0.41 22.25
C HIS D 74 13.02 -0.40 23.07
N LEU D 75 12.81 -1.71 23.15
CA LEU D 75 13.75 -2.57 23.87
C LEU D 75 15.12 -2.54 23.22
N THR D 76 15.16 -2.60 21.89
CA THR D 76 16.43 -2.56 21.17
C THR D 76 17.11 -1.21 21.33
N LEU D 77 16.33 -0.12 21.38
CA LEU D 77 16.92 1.19 21.61
C LEU D 77 17.57 1.25 22.99
N ALA D 78 16.88 0.76 24.02
CA ALA D 78 17.46 0.76 25.36
C ALA D 78 18.72 -0.12 25.42
N ASP D 79 18.66 -1.31 24.81
CA ASP D 79 19.81 -2.20 24.81
C ASP D 79 20.98 -1.60 24.05
N LEU D 80 20.71 -0.94 22.93
CA LEU D 80 21.77 -0.30 22.15
C LEU D 80 22.40 0.84 22.94
N LEU D 81 21.59 1.62 23.65
CA LEU D 81 22.16 2.69 24.47
C LEU D 81 23.04 2.12 25.58
N CYS D 82 22.60 1.02 26.21
CA CYS D 82 23.43 0.39 27.22
C CYS D 82 24.74 -0.13 26.64
N CYS D 83 24.68 -0.77 25.46
CA CYS D 83 25.89 -1.29 24.85
C CYS D 83 26.84 -0.19 24.43
N LEU D 84 26.30 0.94 23.96
CA LEU D 84 27.14 2.08 23.61
C LEU D 84 27.71 2.76 24.84
N SER D 85 27.06 2.63 25.99
CA SER D 85 27.61 3.12 27.24
C SER D 85 28.62 2.15 27.86
N LEU D 86 28.63 0.89 27.42
CA LEU D 86 29.56 -0.09 27.98
C LEU D 86 31.04 0.32 27.91
N PRO D 87 31.55 0.94 26.83
CA PRO D 87 32.95 1.41 26.82
C PRO D 87 33.25 2.24 28.07
N PHE D 88 32.42 3.26 28.35
CA PHE D 88 32.64 4.12 29.52
C PHE D 88 32.77 3.30 30.80
N SER D 89 31.95 2.27 30.95
CA SER D 89 32.05 1.41 32.13
C SER D 89 33.38 0.66 32.15
N LEU D 90 33.80 0.15 30.99
CA LEU D 90 35.07 -0.56 30.91
C LEU D 90 36.24 0.37 31.23
N ALA D 91 36.17 1.63 30.76
CA ALA D 91 37.21 2.60 31.08
C ALA D 91 37.21 2.94 32.58
N HIS D 92 36.03 3.07 33.17
CA HIS D 92 35.94 3.34 34.61
C HIS D 92 36.54 2.20 35.43
N LEU D 93 36.31 0.96 34.98
CA LEU D 93 36.90 -0.19 35.66
C LEU D 93 38.39 -0.29 35.40
N ALA D 94 38.86 0.17 34.25
CA ALA D 94 40.27 0.00 33.88
C ALA D 94 41.19 0.74 34.84
N LEU D 95 40.84 1.97 35.17
CA LEU D 95 41.68 2.82 36.00
C LEU D 95 41.33 2.73 37.49
N GLN D 96 40.67 1.66 37.91
CA GLN D 96 40.32 1.44 39.31
C GLN D 96 39.50 2.61 39.85
N GLY D 97 38.47 3.00 39.10
CA GLY D 97 37.80 4.25 39.38
C GLY D 97 38.68 5.41 38.94
N GLN D 98 38.45 6.57 39.56
CA GLN D 98 39.33 7.72 39.43
C GLN D 98 39.30 8.31 38.03
N TRP D 99 38.56 7.68 37.10
CA TRP D 99 38.56 8.19 35.73
C TRP D 99 37.80 9.50 35.60
N PRO D 100 36.52 9.61 35.99
CA PRO D 100 35.85 10.92 35.89
C PRO D 100 36.41 11.90 36.91
N TYR D 101 37.09 12.92 36.40
CA TYR D 101 37.73 13.94 37.24
C TYR D 101 36.78 15.07 37.61
N GLY D 102 35.52 15.00 37.17
CA GLY D 102 34.58 16.06 37.42
C GLY D 102 33.29 15.52 38.00
N ARG D 103 32.50 16.45 38.54
CA ARG D 103 31.22 16.12 39.16
C ARG D 103 30.14 15.81 38.13
N PHE D 104 30.14 16.52 37.00
CA PHE D 104 29.06 16.37 36.03
C PHE D 104 29.10 14.99 35.38
N LEU D 105 30.27 14.54 34.96
CA LEU D 105 30.39 13.21 34.36
C LEU D 105 29.96 12.12 35.34
N CYS D 106 30.39 12.24 36.60
CA CYS D 106 30.02 11.25 37.61
C CYS D 106 28.51 11.22 37.82
N LYS D 107 27.87 12.39 37.89
CA LYS D 107 26.43 12.41 38.04
C LYS D 107 25.69 11.98 36.78
N LEU D 108 26.35 12.05 35.62
CA LEU D 108 25.66 11.88 34.34
C LEU D 108 25.71 10.45 33.81
N ILE D 109 26.90 9.91 33.59
CA ILE D 109 27.03 8.63 32.88
C ILE D 109 26.34 7.49 33.61
N PRO D 110 26.58 7.29 34.93
CA PRO D 110 25.83 6.25 35.65
C PRO D 110 24.32 6.41 35.53
N SER D 111 23.83 7.65 35.57
CA SER D 111 22.40 7.90 35.46
C SER D 111 21.86 7.39 34.13
N ILE D 112 22.54 7.70 33.04
CA ILE D 112 22.13 7.23 31.72
C ILE D 112 22.09 5.70 31.68
N ILE D 113 23.17 5.07 32.16
CA ILE D 113 23.25 3.61 32.15
C ILE D 113 22.07 3.01 32.92
N VAL D 114 21.80 3.54 34.13
CA VAL D 114 20.74 3.01 34.96
C VAL D 114 19.38 3.21 34.30
N LEU D 115 19.17 4.39 33.72
CA LEU D 115 17.93 4.67 33.01
C LEU D 115 17.69 3.66 31.91
N ASN D 116 18.71 3.38 31.10
CA ASN D 116 18.55 2.43 30.01
C ASN D 116 18.26 1.03 30.53
N MET D 117 18.98 0.59 31.56
CA MET D 117 18.77 -0.77 32.08
C MET D 117 17.36 -0.94 32.62
N PHE D 118 16.88 0.02 33.41
CA PHE D 118 15.57 -0.16 34.00
C PHE D 118 14.44 0.08 33.00
N ALA D 119 14.68 0.92 31.98
CA ALA D 119 13.74 0.99 30.88
C ALA D 119 13.62 -0.35 30.17
N SER D 120 14.75 -1.04 29.98
CA SER D 120 14.71 -2.37 29.38
C SER D 120 13.89 -3.33 30.24
N VAL D 121 14.09 -3.28 31.56
CA VAL D 121 13.33 -4.16 32.45
C VAL D 121 11.82 -3.89 32.33
N PHE D 122 11.43 -2.62 32.37
CA PHE D 122 10.02 -2.28 32.28
C PHE D 122 9.44 -2.65 30.91
N LEU D 123 10.23 -2.53 29.85
CA LEU D 123 9.76 -2.93 28.54
C LEU D 123 9.55 -4.45 28.47
N LEU D 124 10.43 -5.22 29.11
CA LEU D 124 10.20 -6.66 29.20
C LEU D 124 8.90 -6.97 29.90
N THR D 125 8.64 -6.28 31.01
CA THR D 125 7.39 -6.48 31.73
C THR D 125 6.19 -6.14 30.85
N ALA D 126 6.28 -5.05 30.09
CA ALA D 126 5.19 -4.66 29.20
C ALA D 126 4.95 -5.70 28.12
N ILE D 127 6.02 -6.27 27.57
CA ILE D 127 5.87 -7.30 26.55
C ILE D 127 5.15 -8.53 27.13
N SER D 128 5.54 -8.95 28.34
CA SER D 128 4.87 -10.08 28.96
C SER D 128 3.39 -9.79 29.22
N LEU D 129 3.09 -8.58 29.68
CA LEU D 129 1.70 -8.22 29.94
C LEU D 129 0.90 -8.20 28.64
N ASP D 130 1.48 -7.69 27.56
CA ASP D 130 0.78 -7.66 26.28
C ASP D 130 0.49 -9.07 25.77
N ARG D 131 1.45 -9.97 25.91
CA ARG D 131 1.23 -11.36 25.50
C ARG D 131 0.12 -12.00 26.33
N CYS D 132 0.14 -11.80 27.64
CA CYS D 132 -0.92 -12.36 28.48
C CYS D 132 -2.28 -11.76 28.14
N LEU D 133 -2.31 -10.49 27.74
CA LEU D 133 -3.59 -9.87 27.41
C LEU D 133 -4.14 -10.41 26.09
N VAL D 134 -3.28 -10.61 25.09
CA VAL D 134 -3.79 -11.17 23.85
C VAL D 134 -4.23 -12.62 24.03
N VAL D 135 -3.60 -13.34 24.96
CA VAL D 135 -4.06 -14.70 25.24
C VAL D 135 -5.39 -14.69 26.00
N PHE D 136 -5.53 -13.78 26.97
CA PHE D 136 -6.65 -13.80 27.90
C PHE D 136 -7.88 -13.06 27.38
N LYS D 137 -7.69 -11.99 26.61
CA LYS D 137 -8.80 -11.20 26.08
C LYS D 137 -8.63 -11.03 24.58
N PRO D 138 -8.85 -12.10 23.81
CA PRO D 138 -8.61 -12.01 22.36
C PRO D 138 -9.58 -11.07 21.64
N ILE D 139 -10.84 -11.01 22.05
CA ILE D 139 -11.80 -10.16 21.35
C ILE D 139 -11.51 -8.68 21.62
N TRP D 140 -11.24 -8.34 22.88
CA TRP D 140 -10.90 -6.96 23.21
C TRP D 140 -9.62 -6.55 22.51
N CYS D 141 -8.65 -7.45 22.42
CA CYS D 141 -7.43 -7.13 21.69
C CYS D 141 -7.69 -6.98 20.19
N GLN D 142 -8.56 -7.80 19.63
CA GLN D 142 -8.87 -7.67 18.21
C GLN D 142 -9.54 -6.34 17.92
N ASN D 143 -10.31 -5.81 18.87
CA ASN D 143 -11.04 -4.58 18.63
C ASN D 143 -10.29 -3.31 19.06
N HIS D 144 -9.40 -3.39 20.05
CA HIS D 144 -8.82 -2.19 20.66
C HIS D 144 -7.33 -2.36 20.91
N ARG D 145 -6.60 -2.92 19.95
CA ARG D 145 -5.14 -3.05 20.08
C ARG D 145 -4.49 -2.46 18.82
N ASN D 146 -4.07 -1.21 18.91
CA ASN D 146 -3.44 -0.48 17.82
C ASN D 146 -2.06 0.01 18.25
N VAL D 147 -1.39 0.71 17.34
CA VAL D 147 -0.02 1.12 17.57
C VAL D 147 0.07 2.33 18.51
N GLY D 148 -0.94 3.21 18.49
CA GLY D 148 -0.89 4.39 19.34
C GLY D 148 -0.88 4.05 20.81
N MET D 149 -1.65 3.04 21.21
CA MET D 149 -1.64 2.59 22.60
C MET D 149 -0.27 2.09 23.01
N ALA D 150 0.38 1.32 22.13
CA ALA D 150 1.72 0.83 22.43
C ALA D 150 2.71 1.99 22.54
N CYS D 151 2.61 2.98 21.67
CA CYS D 151 3.49 4.14 21.76
C CYS D 151 3.29 4.90 23.06
N SER D 152 2.03 5.08 23.47
CA SER D 152 1.77 5.78 24.73
C SER D 152 2.34 5.00 25.92
N ILE D 153 2.15 3.68 25.92
CA ILE D 153 2.69 2.86 27.01
C ILE D 153 4.20 2.94 27.05
N CYS D 154 4.85 2.91 25.87
CA CYS D 154 6.31 3.01 25.83
C CYS D 154 6.79 4.35 26.34
N GLY D 155 6.11 5.44 25.98
CA GLY D 155 6.47 6.74 26.50
C GLY D 155 6.35 6.82 28.02
N CYS D 156 5.26 6.27 28.55
CA CYS D 156 5.09 6.23 30.01
C CYS D 156 6.19 5.39 30.67
N ILE D 157 6.58 4.29 30.02
CA ILE D 157 7.65 3.45 30.54
C ILE D 157 8.95 4.24 30.63
N TRP D 158 9.26 4.99 29.57
CA TRP D 158 10.48 5.79 29.58
C TRP D 158 10.43 6.86 30.66
N VAL D 159 9.26 7.47 30.86
CA VAL D 159 9.13 8.48 31.92
C VAL D 159 9.37 7.86 33.29
N VAL D 160 8.80 6.67 33.53
CA VAL D 160 8.99 6.01 34.82
C VAL D 160 10.45 5.62 35.01
N ALA D 161 11.12 5.18 33.93
CA ALA D 161 12.54 4.87 34.02
C ALA D 161 13.36 6.10 34.37
N PHE D 162 13.02 7.24 33.79
CA PHE D 162 13.70 8.49 34.13
C PHE D 162 13.48 8.85 35.60
N VAL D 163 12.25 8.66 36.08
CA VAL D 163 11.96 8.95 37.49
C VAL D 163 12.80 8.07 38.40
N MET D 164 12.90 6.77 38.07
CA MET D 164 13.76 5.87 38.83
C MET D 164 15.22 6.26 38.74
N CYS D 165 15.64 6.81 37.61
CA CYS D 165 17.04 7.19 37.41
C CYS D 165 17.44 8.44 38.18
N ILE D 166 16.51 9.36 38.43
CA ILE D 166 16.84 10.66 39.00
C ILE D 166 17.63 10.53 40.31
N PRO D 167 17.32 9.58 41.23
CA PRO D 167 18.13 9.40 42.43
C PRO D 167 19.65 9.42 42.14
N VAL D 168 20.10 8.68 41.11
CA VAL D 168 21.52 8.59 40.81
C VAL D 168 22.09 9.96 40.51
N PHE D 169 21.37 10.76 39.71
CA PHE D 169 21.80 12.12 39.45
C PHE D 169 21.85 12.94 40.72
N VAL D 170 20.88 12.75 41.62
CA VAL D 170 20.77 13.61 42.79
C VAL D 170 21.91 13.34 43.77
N TYR D 171 22.19 12.07 44.06
CA TYR D 171 23.04 11.73 45.19
C TYR D 171 24.47 11.32 44.85
N ARG D 172 24.78 11.00 43.60
CA ARG D 172 26.11 10.51 43.24
C ARG D 172 27.11 11.65 43.33
N GLU D 173 27.92 11.66 44.39
CA GLU D 173 28.81 12.77 44.67
C GLU D 173 30.27 12.39 44.43
N ILE D 174 31.12 13.40 44.39
CA ILE D 174 32.57 13.25 44.26
C ILE D 174 33.20 13.44 45.64
N PHE D 175 33.94 12.43 46.08
CA PHE D 175 34.69 12.45 47.33
C PHE D 175 36.16 12.18 47.04
N THR D 176 37.01 12.57 47.98
CA THR D 176 38.44 12.36 47.86
C THR D 176 38.95 11.51 49.02
N HIS D 180 43.17 9.30 47.26
CA HIS D 180 42.59 8.94 45.98
C HIS D 180 41.20 9.54 45.84
N ASN D 181 40.72 9.63 44.60
CA ASN D 181 39.45 10.24 44.29
C ASN D 181 38.46 9.20 43.78
N ARG D 182 37.18 9.42 44.09
CA ARG D 182 36.11 8.52 43.64
C ARG D 182 34.77 9.22 43.76
N CYS D 183 33.85 8.86 42.84
CA CYS D 183 32.46 9.36 42.97
C CYS D 183 31.58 8.18 43.37
N GLY D 184 30.81 8.33 44.43
CA GLY D 184 29.98 7.30 44.99
C GLY D 184 28.81 7.91 45.73
N TYR D 185 28.46 7.31 46.85
CA TYR D 185 27.25 7.68 47.57
C TYR D 185 27.57 8.02 49.01
N THR D 342 22.55 10.86 52.36
CA THR D 342 22.02 10.00 51.31
C THR D 342 21.21 8.83 51.89
N PRO D 343 19.90 8.85 51.67
CA PRO D 343 19.04 7.73 52.10
C PRO D 343 19.16 6.54 51.16
N LEU D 344 20.26 5.81 51.30
CA LEU D 344 20.51 4.65 50.40
C LEU D 344 19.45 3.59 50.65
N VAL D 345 18.98 3.45 51.88
CA VAL D 345 18.02 2.38 52.19
C VAL D 345 16.78 2.51 51.31
N ALA D 346 16.21 3.71 51.23
CA ALA D 346 15.01 3.91 50.43
C ALA D 346 15.29 3.68 48.94
N ILE D 347 16.44 4.14 48.47
CA ILE D 347 16.81 3.95 47.07
C ILE D 347 16.90 2.45 46.76
N THR D 348 17.58 1.70 47.62
CA THR D 348 17.74 0.26 47.39
C THR D 348 16.41 -0.46 47.46
N ILE D 349 15.56 -0.11 48.42
CA ILE D 349 14.27 -0.79 48.55
C ILE D 349 13.39 -0.51 47.35
N THR D 350 13.32 0.75 46.90
CA THR D 350 12.52 1.07 45.73
C THR D 350 13.05 0.36 44.49
N ARG D 351 14.38 0.34 44.33
CA ARG D 351 14.98 -0.35 43.19
C ARG D 351 14.62 -1.83 43.20
N LEU D 352 14.73 -2.48 44.36
CA LEU D 352 14.42 -3.89 44.46
C LEU D 352 12.95 -4.15 44.17
N VAL D 353 12.05 -3.34 44.74
CA VAL D 353 10.63 -3.63 44.64
C VAL D 353 10.13 -3.39 43.23
N VAL D 354 10.44 -2.22 42.66
CA VAL D 354 9.83 -1.86 41.38
C VAL D 354 10.66 -2.34 40.20
N GLY D 355 11.99 -2.43 40.35
CA GLY D 355 12.82 -2.89 39.26
C GLY D 355 12.97 -4.41 39.19
N PHE D 356 12.76 -5.10 40.30
CA PHE D 356 12.89 -6.56 40.30
C PHE D 356 11.61 -7.27 40.70
N LEU D 357 11.06 -6.98 41.88
CA LEU D 357 10.01 -7.84 42.43
C LEU D 357 8.73 -7.78 41.61
N LEU D 358 8.25 -6.56 41.35
CA LEU D 358 7.03 -6.42 40.56
C LEU D 358 7.18 -6.95 39.15
N PRO D 359 8.20 -6.58 38.36
CA PRO D 359 8.33 -7.17 37.03
C PRO D 359 8.53 -8.67 37.05
N SER D 360 9.32 -9.20 37.99
CA SER D 360 9.52 -10.64 38.05
C SER D 360 8.20 -11.36 38.30
N VAL D 361 7.43 -10.87 39.27
CA VAL D 361 6.13 -11.48 39.55
C VAL D 361 5.21 -11.40 38.35
N ILE D 362 5.19 -10.24 37.68
CA ILE D 362 4.27 -10.06 36.56
C ILE D 362 4.62 -11.00 35.42
N MET D 363 5.91 -11.06 35.04
CA MET D 363 6.30 -11.95 33.94
C MET D 363 6.08 -13.41 34.29
N ILE D 364 6.42 -13.82 35.52
CA ILE D 364 6.22 -15.21 35.90
C ILE D 364 4.73 -15.57 35.84
N ALA D 365 3.87 -14.71 36.38
CA ALA D 365 2.45 -14.98 36.37
C ALA D 365 1.90 -15.01 34.94
N CYS D 366 2.32 -14.07 34.10
CA CYS D 366 1.82 -14.00 32.74
C CYS D 366 2.21 -15.24 31.94
N TYR D 367 3.48 -15.63 32.03
CA TYR D 367 3.92 -16.79 31.25
C TYR D 367 3.34 -18.08 31.80
N SER D 368 3.17 -18.19 33.11
CA SER D 368 2.51 -19.35 33.68
C SER D 368 1.07 -19.44 33.21
N PHE D 369 0.36 -18.31 33.18
CA PHE D 369 -1.02 -18.32 32.71
C PHE D 369 -1.09 -18.71 31.24
N ILE D 370 -0.15 -18.20 30.43
CA ILE D 370 -0.18 -18.48 28.97
C ILE D 370 0.00 -19.98 28.74
N VAL D 371 0.99 -20.60 29.41
CA VAL D 371 1.29 -22.04 29.17
C VAL D 371 0.08 -22.90 29.57
N PHE D 372 -0.43 -22.72 30.79
CA PHE D 372 -1.61 -23.49 31.27
C PHE D 372 -2.85 -23.14 30.46
N ARG D 373 -3.20 -21.85 30.38
CA ARG D 373 -4.40 -21.41 29.63
C ARG D 373 -4.46 -22.14 28.28
N MET D 374 -3.38 -22.06 27.50
CA MET D 374 -3.37 -22.65 26.14
C MET D 374 -3.43 -24.18 26.30
N GLN D 375 -2.92 -24.70 27.41
CA GLN D 375 -2.89 -26.16 27.66
C GLN D 375 -4.29 -26.76 27.91
N ARG D 376 -5.15 -26.06 28.66
CA ARG D 376 -6.48 -26.63 29.02
C ARG D 376 -7.60 -26.01 28.17
N GLY D 377 -7.49 -26.12 26.84
CA GLY D 377 -8.53 -25.59 25.94
C GLY D 377 -9.26 -26.69 25.19
N ARG D 378 -10.53 -26.46 24.84
CA ARG D 378 -11.27 -27.44 24.05
C ARG D 378 -10.50 -27.82 22.79
N PHE D 379 -9.79 -26.86 22.20
CA PHE D 379 -8.97 -27.09 21.02
C PHE D 379 -7.49 -27.23 21.37
N ALA D 380 -7.18 -27.52 22.63
CA ALA D 380 -5.80 -27.57 23.08
C ALA D 380 -5.03 -28.67 22.36
N LYS D 381 -3.79 -28.35 21.97
CA LYS D 381 -2.92 -29.27 21.26
C LYS D 381 -1.69 -29.53 22.11
N SER D 382 -1.31 -30.79 22.25
CA SER D 382 -0.13 -31.15 23.02
C SER D 382 1.12 -30.54 22.38
N GLN D 383 1.77 -29.64 23.10
CA GLN D 383 2.88 -28.88 22.56
C GLN D 383 3.83 -28.53 23.70
N SER D 384 5.09 -28.28 23.35
CA SER D 384 6.10 -27.92 24.32
C SER D 384 6.84 -26.63 23.98
N LYS D 385 6.57 -26.01 22.84
CA LYS D 385 7.26 -24.79 22.47
C LYS D 385 6.99 -23.66 23.46
N THR D 386 5.71 -23.50 23.85
CA THR D 386 5.35 -22.43 24.77
C THR D 386 6.07 -22.58 26.10
N PHE D 387 6.07 -23.79 26.65
CA PHE D 387 6.69 -24.02 27.96
C PHE D 387 8.19 -23.73 27.92
N ARG D 388 8.89 -24.27 26.94
CA ARG D 388 10.34 -24.07 26.88
C ARG D 388 10.68 -22.61 26.61
N VAL D 389 9.95 -21.94 25.71
CA VAL D 389 10.24 -20.54 25.43
C VAL D 389 10.03 -19.69 26.68
N ALA D 390 8.91 -19.89 27.37
CA ALA D 390 8.63 -19.12 28.57
C ALA D 390 9.66 -19.39 29.66
N VAL D 391 10.04 -20.65 29.84
CA VAL D 391 11.01 -21.00 30.86
C VAL D 391 12.36 -20.34 30.55
N VAL D 392 12.78 -20.40 29.30
CA VAL D 392 14.07 -19.81 28.93
C VAL D 392 14.04 -18.30 29.15
N VAL D 393 12.96 -17.64 28.74
CA VAL D 393 12.87 -16.19 28.89
C VAL D 393 12.95 -15.80 30.36
N VAL D 394 12.12 -16.42 31.19
CA VAL D 394 12.09 -16.08 32.61
C VAL D 394 13.41 -16.42 33.29
N ALA D 395 13.99 -17.57 32.94
CA ALA D 395 15.24 -17.99 33.55
C ALA D 395 16.39 -17.06 33.18
N VAL D 396 16.46 -16.62 31.92
CA VAL D 396 17.52 -15.69 31.54
C VAL D 396 17.36 -14.37 32.28
N PHE D 397 16.12 -13.85 32.34
CA PHE D 397 15.90 -12.62 33.08
C PHE D 397 16.33 -12.75 34.53
N LEU D 398 15.89 -13.84 35.18
CA LEU D 398 16.20 -14.02 36.60
C LEU D 398 17.70 -14.18 36.83
N VAL D 399 18.37 -14.97 36.00
CA VAL D 399 19.80 -15.18 36.17
C VAL D 399 20.56 -13.88 35.98
N CYS D 400 20.17 -13.09 34.97
CA CYS D 400 20.87 -11.83 34.73
C CYS D 400 20.64 -10.82 35.84
N TRP D 401 19.42 -10.74 36.37
CA TRP D 401 19.06 -9.63 37.25
C TRP D 401 18.96 -9.98 38.72
N THR D 402 19.12 -11.23 39.11
CA THR D 402 18.91 -11.61 40.50
C THR D 402 20.14 -11.31 41.37
N PRO D 403 21.36 -11.68 40.95
CA PRO D 403 22.53 -11.34 41.79
C PRO D 403 22.69 -9.84 42.02
N TYR D 404 22.30 -9.01 41.05
CA TYR D 404 22.36 -7.56 41.24
C TYR D 404 21.57 -7.13 42.46
N HIS D 405 20.30 -7.55 42.54
CA HIS D 405 19.46 -7.14 43.66
C HIS D 405 19.82 -7.87 44.94
N ILE D 406 20.31 -9.11 44.84
CA ILE D 406 20.78 -9.81 46.04
C ILE D 406 21.93 -9.03 46.67
N PHE D 407 22.87 -8.58 45.85
CA PHE D 407 23.99 -7.82 46.39
C PHE D 407 23.56 -6.43 46.85
N GLY D 408 22.58 -5.83 46.17
CA GLY D 408 22.04 -4.57 46.65
C GLY D 408 21.44 -4.68 48.04
N VAL D 409 20.72 -5.77 48.29
CA VAL D 409 20.15 -5.99 49.63
C VAL D 409 21.26 -6.31 50.63
N LEU D 410 22.23 -7.13 50.23
CA LEU D 410 23.29 -7.52 51.16
C LEU D 410 24.17 -6.34 51.55
N SER D 411 24.30 -5.35 50.66
CA SER D 411 25.05 -4.15 51.01
C SER D 411 24.36 -3.36 52.13
N LEU D 412 23.04 -3.41 52.20
CA LEU D 412 22.28 -2.66 53.18
C LEU D 412 22.05 -3.46 54.47
N LEU D 413 22.84 -4.51 54.71
CA LEU D 413 22.68 -5.32 55.89
C LEU D 413 23.99 -5.58 56.63
N THR D 414 25.12 -5.12 56.11
CA THR D 414 26.42 -5.38 56.71
C THR D 414 27.20 -4.08 56.82
N ASP D 415 28.13 -4.05 57.77
CA ASP D 415 29.03 -2.91 57.89
C ASP D 415 30.05 -2.95 56.77
N PRO D 416 30.28 -1.84 56.07
CA PRO D 416 31.25 -1.87 54.95
C PRO D 416 32.64 -2.31 55.36
N GLU D 417 33.10 -1.96 56.56
CA GLU D 417 34.44 -2.31 57.01
C GLU D 417 34.58 -3.78 57.39
N THR D 418 33.46 -4.50 57.51
CA THR D 418 33.54 -5.93 57.79
C THR D 418 34.20 -6.64 56.62
N PRO D 419 35.03 -7.66 56.88
CA PRO D 419 35.67 -8.38 55.76
C PRO D 419 34.68 -8.96 54.76
N LEU D 420 33.47 -9.31 55.20
CA LEU D 420 32.45 -9.73 54.25
C LEU D 420 32.12 -8.60 53.28
N GLY D 421 32.05 -7.36 53.78
CA GLY D 421 31.83 -6.23 52.89
C GLY D 421 32.99 -6.02 51.93
N LYS D 422 34.23 -6.21 52.42
CA LYS D 422 35.39 -6.10 51.54
C LYS D 422 35.32 -7.11 50.41
N THR D 423 34.92 -8.35 50.73
CA THR D 423 34.71 -9.34 49.68
C THR D 423 33.59 -8.92 48.75
N LEU D 424 32.49 -8.41 49.31
CA LEU D 424 31.30 -8.09 48.54
C LEU D 424 31.50 -6.91 47.59
N MET D 425 32.49 -6.06 47.86
CA MET D 425 32.68 -4.85 47.06
C MET D 425 32.90 -5.18 45.58
N SER D 426 33.84 -6.08 45.27
CA SER D 426 34.17 -6.38 43.88
C SER D 426 33.12 -7.27 43.22
N TRP D 427 32.56 -8.21 43.99
CA TRP D 427 31.50 -9.02 43.42
C TRP D 427 30.25 -8.20 43.15
N ASP D 428 30.11 -7.04 43.79
CA ASP D 428 29.06 -6.11 43.38
C ASP D 428 29.31 -5.61 41.96
N HIS D 429 30.57 -5.32 41.62
CA HIS D 429 30.88 -4.90 40.26
C HIS D 429 30.60 -6.02 39.26
N VAL D 430 30.95 -7.26 39.61
CA VAL D 430 30.67 -8.34 38.66
C VAL D 430 29.17 -8.57 38.55
N CYS D 431 28.42 -8.34 39.64
CA CYS D 431 26.96 -8.41 39.57
C CYS D 431 26.39 -7.35 38.65
N ILE D 432 26.95 -6.14 38.70
CA ILE D 432 26.51 -5.07 37.80
C ILE D 432 26.79 -5.46 36.35
N ALA D 433 27.96 -6.04 36.10
CA ALA D 433 28.29 -6.50 34.74
C ALA D 433 27.31 -7.57 34.28
N LEU D 434 26.97 -8.51 35.18
CA LEU D 434 26.02 -9.57 34.82
C LEU D 434 24.64 -9.00 34.52
N ALA D 435 24.22 -7.99 35.31
CA ALA D 435 22.93 -7.36 35.04
C ALA D 435 22.94 -6.64 33.70
N SER D 436 24.04 -5.96 33.38
CA SER D 436 24.14 -5.30 32.08
C SER D 436 24.25 -6.30 30.93
N ALA D 437 24.62 -7.55 31.23
CA ALA D 437 24.71 -8.57 30.18
C ALA D 437 23.37 -8.87 29.52
N ASN D 438 22.25 -8.56 30.18
CA ASN D 438 20.94 -8.90 29.64
C ASN D 438 20.61 -8.13 28.37
N SER D 439 21.24 -6.98 28.16
CA SER D 439 20.97 -6.16 26.97
C SER D 439 21.44 -6.83 25.69
N CYS D 440 22.39 -7.76 25.77
CA CYS D 440 22.80 -8.50 24.59
C CYS D 440 22.02 -9.80 24.42
N PHE D 441 21.49 -10.35 25.51
CA PHE D 441 20.67 -11.55 25.41
C PHE D 441 19.26 -11.25 24.92
N ASN D 442 18.74 -10.07 25.22
CA ASN D 442 17.36 -9.74 24.85
C ASN D 442 17.07 -9.83 23.34
N PRO D 443 17.91 -9.34 22.43
CA PRO D 443 17.56 -9.44 21.00
C PRO D 443 17.34 -10.86 20.53
N PHE D 444 18.12 -11.82 21.00
CA PHE D 444 17.93 -13.21 20.59
C PHE D 444 16.66 -13.80 21.19
N LEU D 445 16.32 -13.39 22.42
CA LEU D 445 15.19 -13.98 23.11
C LEU D 445 13.85 -13.45 22.60
N TYR D 446 13.80 -12.17 22.24
CA TYR D 446 12.52 -11.53 21.92
C TYR D 446 12.34 -11.27 20.43
N ALA D 447 13.26 -10.55 19.80
CA ALA D 447 13.08 -10.19 18.39
C ALA D 447 13.31 -11.38 17.47
N LEU D 448 14.34 -12.17 17.73
CA LEU D 448 14.74 -13.23 16.81
C LEU D 448 13.92 -14.50 16.94
N LEU D 449 13.05 -14.60 17.96
CA LEU D 449 12.23 -15.80 18.09
C LEU D 449 11.11 -15.83 17.07
N GLY D 450 10.61 -14.66 16.66
CA GLY D 450 9.55 -14.63 15.67
C GLY D 450 10.03 -15.12 14.32
N LYS D 451 9.17 -15.90 13.65
CA LYS D 451 9.52 -16.43 12.34
C LYS D 451 9.63 -15.33 11.30
N ASP D 452 8.70 -14.37 11.33
CA ASP D 452 8.74 -13.25 10.38
C ASP D 452 10.02 -12.44 10.55
N PHE D 453 10.37 -12.12 11.80
CA PHE D 453 11.58 -11.33 12.04
C PHE D 453 12.83 -12.09 11.62
N ARG D 454 12.90 -13.38 11.96
CA ARG D 454 14.07 -14.17 11.58
C ARG D 454 14.20 -14.23 10.06
N LYS D 455 13.09 -14.45 9.36
CA LYS D 455 13.12 -14.51 7.90
C LYS D 455 13.57 -13.17 7.30
N LYS D 456 12.98 -12.07 7.78
CA LYS D 456 13.33 -10.76 7.22
C LYS D 456 14.78 -10.41 7.51
N ALA D 457 15.26 -10.70 8.72
CA ALA D 457 16.65 -10.41 9.06
C ALA D 457 17.60 -11.25 8.22
N ARG D 458 17.27 -12.52 8.01
CA ARG D 458 18.12 -13.37 7.17
C ARG D 458 18.14 -12.86 5.73
N GLN D 459 16.98 -12.44 5.23
CA GLN D 459 16.92 -11.91 3.86
C GLN D 459 17.76 -10.65 3.73
N SER D 460 17.65 -9.73 4.70
CA SER D 460 18.43 -8.50 4.65
C SER D 460 19.92 -8.78 4.78
N ILE D 461 20.29 -9.71 5.66
CA ILE D 461 21.70 -10.06 5.82
C ILE D 461 22.26 -10.65 4.54
N GLN D 462 21.51 -11.55 3.91
CA GLN D 462 21.95 -12.13 2.65
C GLN D 462 22.07 -11.06 1.56
N GLY D 463 21.10 -10.16 1.48
CA GLY D 463 21.15 -9.11 0.49
C GLY D 463 22.33 -8.17 0.68
N ILE D 464 22.63 -7.80 1.92
CA ILE D 464 23.76 -6.91 2.17
C ILE D 464 25.08 -7.64 1.92
N LEU D 465 25.19 -8.90 2.33
CA LEU D 465 26.42 -9.65 2.12
C LEU D 465 26.69 -9.86 0.63
N GLU D 466 25.65 -10.17 -0.14
CA GLU D 466 25.80 -10.34 -1.58
C GLU D 466 25.92 -8.99 -2.28
N VAL E 2 -21.70 24.51 -6.09
CA VAL E 2 -20.71 25.14 -5.25
C VAL E 2 -21.17 26.53 -4.86
N GLN E 3 -21.33 26.74 -3.55
CA GLN E 3 -21.78 28.01 -3.01
C GLN E 3 -20.98 28.33 -1.76
N LEU E 4 -20.54 29.58 -1.66
CA LEU E 4 -19.90 30.12 -0.45
C LEU E 4 -20.63 31.40 -0.08
N VAL E 5 -21.36 31.38 1.04
CA VAL E 5 -22.20 32.50 1.44
C VAL E 5 -21.61 33.11 2.70
N GLU E 6 -21.30 34.40 2.63
CA GLU E 6 -20.74 35.13 3.76
C GLU E 6 -21.85 35.78 4.59
N SER E 7 -21.56 36.01 5.86
CA SER E 7 -22.48 36.70 6.75
C SER E 7 -21.70 37.24 7.94
N GLY E 8 -22.23 38.29 8.55
CA GLY E 8 -21.59 38.89 9.72
C GLY E 8 -21.13 40.31 9.53
N GLY E 9 -21.28 40.90 8.35
CA GLY E 9 -20.89 42.28 8.15
C GLY E 9 -21.89 43.26 8.70
N GLY E 10 -21.48 44.52 8.73
CA GLY E 10 -22.31 45.58 9.27
C GLY E 10 -21.45 46.73 9.74
N LEU E 11 -22.02 47.55 10.62
CA LEU E 11 -21.35 48.72 11.15
C LEU E 11 -20.79 48.39 12.53
N VAL E 12 -19.49 48.61 12.70
CA VAL E 12 -18.80 48.36 13.97
C VAL E 12 -18.07 49.63 14.38
N GLN E 13 -18.21 50.02 15.64
CA GLN E 13 -17.47 51.16 16.13
C GLN E 13 -15.99 50.83 16.22
N PRO E 14 -15.11 51.82 16.03
CA PRO E 14 -13.66 51.55 16.09
C PRO E 14 -13.26 50.98 17.44
N GLY E 15 -12.30 50.04 17.40
CA GLY E 15 -11.85 49.35 18.60
C GLY E 15 -12.72 48.21 19.04
N GLY E 16 -13.79 47.89 18.31
CA GLY E 16 -14.70 46.82 18.68
C GLY E 16 -14.28 45.49 18.09
N SER E 17 -15.22 44.54 18.18
CA SER E 17 -15.01 43.17 17.70
C SER E 17 -16.14 42.79 16.75
N ARG E 18 -15.82 41.89 15.82
CA ARG E 18 -16.80 41.39 14.86
C ARG E 18 -16.40 39.99 14.41
N LYS E 19 -17.40 39.23 13.98
CA LYS E 19 -17.21 37.84 13.57
C LYS E 19 -17.85 37.62 12.21
N LEU E 20 -17.05 37.19 11.24
CA LEU E 20 -17.53 36.83 9.92
C LEU E 20 -17.63 35.32 9.83
N SER E 21 -18.76 34.83 9.32
CA SER E 21 -18.99 33.39 9.16
C SER E 21 -19.38 33.11 7.71
N CYS E 22 -18.74 32.13 7.12
CA CYS E 22 -19.04 31.69 5.76
C CYS E 22 -19.55 30.25 5.80
N SER E 23 -20.67 30.02 5.13
CA SER E 23 -21.24 28.69 4.97
C SER E 23 -20.92 28.19 3.57
N ALA E 24 -20.46 26.94 3.49
CA ALA E 24 -20.07 26.32 2.24
C ALA E 24 -21.04 25.18 1.91
N SER E 25 -21.37 25.05 0.63
CA SER E 25 -22.25 23.97 0.20
C SER E 25 -21.88 23.56 -1.21
N GLY E 26 -22.21 22.33 -1.56
CA GLY E 26 -21.99 21.83 -2.89
C GLY E 26 -20.60 21.33 -3.19
N PHE E 27 -19.71 21.28 -2.21
CA PHE E 27 -18.38 20.74 -2.42
C PHE E 27 -17.83 20.22 -1.10
N ALA E 28 -16.79 19.39 -1.21
CA ALA E 28 -16.14 18.83 -0.03
C ALA E 28 -15.32 19.90 0.67
N PHE E 29 -15.92 20.54 1.67
CA PHE E 29 -15.30 21.70 2.31
C PHE E 29 -13.99 21.33 2.98
N SER E 30 -13.94 20.19 3.67
CA SER E 30 -12.81 19.86 4.52
C SER E 30 -11.52 19.64 3.74
N SER E 31 -11.59 19.34 2.45
CA SER E 31 -10.41 19.08 1.65
C SER E 31 -9.87 20.32 0.95
N PHE E 32 -10.44 21.48 1.21
CA PHE E 32 -10.00 22.73 0.62
C PHE E 32 -9.34 23.61 1.68
N GLY E 33 -8.28 24.31 1.29
CA GLY E 33 -7.81 25.42 2.07
C GLY E 33 -8.67 26.65 1.84
N MET E 34 -8.71 27.54 2.82
CA MET E 34 -9.60 28.69 2.79
C MET E 34 -8.80 29.97 2.98
N HIS E 35 -9.17 31.00 2.22
CA HIS E 35 -8.56 32.32 2.30
C HIS E 35 -9.62 33.36 2.61
N TRP E 36 -9.28 34.30 3.47
CA TRP E 36 -10.04 35.53 3.66
C TRP E 36 -9.29 36.63 2.92
N VAL E 37 -9.99 37.34 2.03
CA VAL E 37 -9.40 38.39 1.20
C VAL E 37 -10.30 39.62 1.28
N ARG E 38 -9.73 40.77 1.66
CA ARG E 38 -10.50 41.99 1.80
C ARG E 38 -10.25 42.93 0.62
N GLN E 39 -11.25 43.76 0.33
CA GLN E 39 -11.14 44.77 -0.71
C GLN E 39 -11.81 46.04 -0.21
N ALA E 40 -11.04 47.12 -0.13
CA ALA E 40 -11.59 48.38 0.33
C ALA E 40 -12.56 48.95 -0.70
N PRO E 41 -13.47 49.84 -0.29
CA PRO E 41 -14.42 50.42 -1.26
C PRO E 41 -13.76 51.20 -2.38
N GLU E 42 -12.51 51.64 -2.21
CA GLU E 42 -11.82 52.43 -3.22
C GLU E 42 -10.71 51.68 -3.94
N LYS E 43 -9.98 50.79 -3.27
CA LYS E 43 -8.84 50.12 -3.86
C LYS E 43 -9.20 48.68 -4.25
N GLY E 44 -8.20 47.92 -4.66
CA GLY E 44 -8.37 46.56 -5.11
C GLY E 44 -8.30 45.54 -3.99
N LEU E 45 -8.03 44.30 -4.38
CA LEU E 45 -8.03 43.18 -3.45
C LEU E 45 -6.78 43.20 -2.56
N GLU E 46 -6.91 42.58 -1.39
CA GLU E 46 -5.78 42.42 -0.47
C GLU E 46 -5.97 41.14 0.32
N TRP E 47 -5.00 40.25 0.24
CA TRP E 47 -5.03 38.99 0.98
C TRP E 47 -4.98 39.25 2.48
N VAL E 48 -5.84 38.56 3.23
CA VAL E 48 -5.92 38.72 4.68
C VAL E 48 -5.36 37.48 5.40
N ALA E 49 -5.95 36.32 5.16
CA ALA E 49 -5.58 35.15 5.97
C ALA E 49 -5.78 33.87 5.18
N TYR E 50 -5.11 32.81 5.63
CA TYR E 50 -5.20 31.49 5.04
C TYR E 50 -5.19 30.44 6.13
N ILE E 51 -6.10 29.46 6.02
CA ILE E 51 -6.10 28.27 6.86
C ILE E 51 -6.09 27.06 5.95
N SER E 52 -5.24 26.09 6.26
CA SER E 52 -5.06 24.93 5.41
C SER E 52 -6.14 23.88 5.66
N SER E 53 -6.34 23.02 4.68
CA SER E 53 -7.15 21.83 4.88
C SER E 53 -6.59 21.02 6.05
N GLY E 54 -7.46 20.65 6.97
CA GLY E 54 -7.05 19.97 8.17
C GLY E 54 -6.57 20.85 9.30
N SER E 55 -6.66 22.18 9.14
CA SER E 55 -6.30 23.15 10.17
C SER E 55 -4.84 22.96 10.62
N GLY E 56 -3.94 22.96 9.65
CA GLY E 56 -2.53 22.83 9.92
C GLY E 56 -1.87 24.19 9.96
N THR E 57 -1.26 24.59 8.86
CA THR E 57 -0.66 25.92 8.79
C THR E 57 -1.74 26.99 8.78
N ILE E 58 -1.39 28.15 9.35
CA ILE E 58 -2.22 29.34 9.32
C ILE E 58 -1.33 30.52 9.00
N TYR E 59 -1.75 31.35 8.05
CA TYR E 59 -1.01 32.53 7.65
C TYR E 59 -1.89 33.76 7.80
N TYR E 60 -1.30 34.85 8.29
CA TYR E 60 -1.99 36.13 8.45
C TYR E 60 -1.22 37.21 7.71
N ALA E 61 -1.95 38.22 7.25
CA ALA E 61 -1.31 39.41 6.70
C ALA E 61 -0.64 40.21 7.82
N ASP E 62 0.37 40.98 7.44
CA ASP E 62 1.13 41.74 8.43
C ASP E 62 0.30 42.79 9.13
N THR E 63 -0.79 43.26 8.52
CA THR E 63 -1.61 44.32 9.10
C THR E 63 -2.72 43.81 10.00
N VAL E 64 -2.89 42.49 10.11
CA VAL E 64 -3.99 41.93 10.88
C VAL E 64 -3.45 40.98 11.94
N LYS E 65 -2.15 40.69 11.89
CA LYS E 65 -1.56 39.73 12.82
C LYS E 65 -1.68 40.23 14.26
N GLY E 66 -2.13 39.34 15.14
CA GLY E 66 -2.37 39.66 16.52
C GLY E 66 -3.79 40.10 16.84
N ARG E 67 -4.55 40.51 15.83
CA ARG E 67 -5.93 40.95 16.00
C ARG E 67 -6.93 39.98 15.40
N PHE E 68 -6.67 39.50 14.18
CA PHE E 68 -7.58 38.61 13.50
C PHE E 68 -7.26 37.15 13.85
N THR E 69 -8.26 36.30 13.68
CA THR E 69 -8.11 34.87 13.92
C THR E 69 -9.01 34.12 12.94
N ILE E 70 -8.42 33.22 12.16
CA ILE E 70 -9.15 32.43 11.19
C ILE E 70 -9.28 31.01 11.72
N SER E 71 -10.49 30.46 11.59
CA SER E 71 -10.75 29.10 12.05
C SER E 71 -11.77 28.45 11.14
N ARG E 72 -11.95 27.13 11.29
CA ARG E 72 -12.91 26.41 10.48
C ARG E 72 -13.58 25.33 11.31
N ASP E 73 -14.88 25.14 11.08
CA ASP E 73 -15.65 24.06 11.67
C ASP E 73 -16.04 23.13 10.53
N ASP E 74 -15.28 22.04 10.38
CA ASP E 74 -15.50 21.11 9.28
C ASP E 74 -16.85 20.38 9.37
N PRO E 75 -17.28 19.87 10.53
CA PRO E 75 -18.61 19.21 10.55
C PRO E 75 -19.74 20.13 10.12
N LYS E 76 -19.67 21.41 10.45
CA LYS E 76 -20.68 22.37 10.02
C LYS E 76 -20.36 23.01 8.68
N ASN E 77 -19.18 22.74 8.13
CA ASN E 77 -18.73 23.31 6.85
C ASN E 77 -18.74 24.84 6.89
N THR E 78 -18.15 25.40 7.95
CA THR E 78 -18.16 26.85 8.14
C THR E 78 -16.75 27.37 8.35
N LEU E 79 -16.54 28.62 7.91
CA LEU E 79 -15.27 29.31 8.08
C LEU E 79 -15.49 30.58 8.88
N PHE E 80 -14.65 30.82 9.88
CA PHE E 80 -14.85 31.91 10.83
C PHE E 80 -13.65 32.85 10.81
N LEU E 81 -13.94 34.15 10.88
CA LEU E 81 -12.93 35.19 11.04
C LEU E 81 -13.34 36.06 12.22
N GLN E 82 -12.59 35.97 13.31
CA GLN E 82 -12.80 36.76 14.51
C GLN E 82 -11.84 37.94 14.47
N MET E 83 -12.37 39.15 14.34
CA MET E 83 -11.56 40.36 14.34
C MET E 83 -11.83 41.16 15.61
N THR E 84 -10.76 41.65 16.24
CA THR E 84 -10.86 42.46 17.44
C THR E 84 -10.08 43.75 17.23
N SER E 85 -10.45 44.77 18.01
CA SER E 85 -9.80 46.08 17.98
C SER E 85 -9.82 46.67 16.58
N LEU E 86 -10.98 46.58 15.94
CA LEU E 86 -11.11 47.01 14.55
C LEU E 86 -10.84 48.51 14.42
N ARG E 87 -10.01 48.86 13.44
CA ARG E 87 -9.69 50.25 13.15
C ARG E 87 -10.53 50.75 11.98
N SER E 88 -10.38 52.02 11.66
CA SER E 88 -11.10 52.60 10.53
C SER E 88 -10.56 52.13 9.19
N GLU E 89 -9.40 51.49 9.17
CA GLU E 89 -8.83 50.95 7.94
C GLU E 89 -9.33 49.56 7.62
N ASP E 90 -10.10 48.94 8.51
CA ASP E 90 -10.61 47.59 8.32
C ASP E 90 -11.95 47.55 7.60
N THR E 91 -12.52 48.70 7.23
CA THR E 91 -13.78 48.71 6.50
C THR E 91 -13.53 48.28 5.06
N ALA E 92 -14.21 47.22 4.64
CA ALA E 92 -13.99 46.64 3.32
C ALA E 92 -15.06 45.57 3.07
N MET E 93 -15.07 45.06 1.84
CA MET E 93 -15.82 43.85 1.51
C MET E 93 -14.89 42.66 1.68
N TYR E 94 -15.32 41.68 2.45
CA TYR E 94 -14.53 40.50 2.75
C TYR E 94 -15.08 39.31 1.96
N TYR E 95 -14.20 38.65 1.22
CA TYR E 95 -14.51 37.48 0.42
C TYR E 95 -13.82 36.26 1.02
N CYS E 96 -14.49 35.11 0.85
CA CYS E 96 -13.89 33.81 1.25
C CYS E 96 -13.58 33.05 -0.03
N VAL E 97 -12.37 32.51 -0.17
CA VAL E 97 -11.92 31.82 -1.37
C VAL E 97 -11.55 30.39 -0.97
N ARG E 98 -12.07 29.43 -1.73
CA ARG E 98 -11.61 28.06 -1.60
C ARG E 98 -10.42 27.84 -2.52
N SER E 99 -9.45 27.05 -2.05
CA SER E 99 -8.23 26.79 -2.82
C SER E 99 -7.66 25.46 -2.40
N ILE E 100 -7.60 24.53 -3.33
CA ILE E 100 -7.07 23.19 -3.09
C ILE E 100 -5.72 23.10 -3.75
N TYR E 101 -4.83 22.30 -3.15
CA TYR E 101 -3.41 22.27 -3.54
C TYR E 101 -2.94 20.84 -3.73
N TYR E 102 -2.79 20.43 -4.98
CA TYR E 102 -2.10 19.21 -5.35
C TYR E 102 -1.53 19.43 -6.75
N TYR E 103 -0.81 18.43 -7.25
CA TYR E 103 -0.22 18.60 -8.57
C TYR E 103 -1.31 18.76 -9.62
N GLY E 104 -1.35 19.94 -10.24
CA GLY E 104 -2.29 20.23 -11.30
C GLY E 104 -3.57 20.91 -10.88
N SER E 105 -3.70 21.23 -9.60
CA SER E 105 -4.96 21.85 -9.11
C SER E 105 -5.04 23.31 -9.57
N SER E 106 -6.18 23.95 -9.36
CA SER E 106 -6.37 25.38 -9.63
C SER E 106 -6.81 26.06 -8.35
N PRO E 107 -5.88 26.61 -7.58
CA PRO E 107 -6.26 27.36 -6.38
C PRO E 107 -6.96 28.67 -6.73
N PHE E 108 -7.74 29.16 -5.77
CA PHE E 108 -8.48 30.41 -5.91
C PHE E 108 -9.53 30.32 -7.02
N ASP E 109 -10.14 29.15 -7.16
CA ASP E 109 -11.05 28.90 -8.27
C ASP E 109 -12.45 29.47 -8.03
N PHE E 110 -12.96 29.35 -6.81
CA PHE E 110 -14.29 29.83 -6.48
C PHE E 110 -14.23 30.84 -5.34
N TRP E 111 -14.96 31.93 -5.49
CA TRP E 111 -15.01 33.01 -4.52
C TRP E 111 -16.43 33.17 -4.01
N GLY E 112 -16.55 33.65 -2.77
CA GLY E 112 -17.84 33.97 -2.20
C GLY E 112 -18.31 35.36 -2.59
N GLN E 113 -19.58 35.65 -2.26
CA GLN E 113 -20.16 36.94 -2.65
C GLN E 113 -19.64 38.09 -1.80
N GLY E 114 -19.13 37.81 -0.60
CA GLY E 114 -18.55 38.84 0.24
C GLY E 114 -19.55 39.46 1.19
N THR E 115 -19.02 40.00 2.29
CA THR E 115 -19.81 40.73 3.27
C THR E 115 -19.14 42.07 3.54
N THR E 116 -19.94 43.12 3.69
CA THR E 116 -19.42 44.47 3.81
C THR E 116 -19.34 44.87 5.28
N LEU E 117 -18.16 45.34 5.71
CA LEU E 117 -17.94 45.79 7.07
C LEU E 117 -17.48 47.23 7.04
N THR E 118 -18.17 48.08 7.82
CA THR E 118 -17.85 49.49 7.89
C THR E 118 -17.48 49.85 9.33
N VAL E 119 -16.41 50.64 9.48
CA VAL E 119 -15.97 51.07 10.80
C VAL E 119 -16.02 52.58 10.90
N SER E 136 11.75 40.21 1.16
CA SER E 136 10.64 40.71 1.96
C SER E 136 9.30 40.32 1.33
N ASP E 137 8.55 41.32 0.89
CA ASP E 137 7.24 41.11 0.28
C ASP E 137 7.32 41.39 -1.21
N ILE E 138 6.80 40.49 -2.02
CA ILE E 138 6.77 40.70 -3.46
C ILE E 138 5.82 41.84 -3.78
N VAL E 139 6.26 42.75 -4.64
CA VAL E 139 5.47 43.89 -5.06
C VAL E 139 5.00 43.65 -6.49
N MET E 140 3.69 43.73 -6.69
CA MET E 140 3.08 43.52 -8.01
C MET E 140 2.53 44.85 -8.50
N THR E 141 3.01 45.28 -9.66
CA THR E 141 2.71 46.59 -10.22
C THR E 141 1.96 46.44 -11.52
N GLN E 142 0.84 47.15 -11.64
CA GLN E 142 0.06 47.20 -12.87
C GLN E 142 0.48 48.44 -13.65
N ALA E 143 0.86 48.23 -14.92
CA ALA E 143 1.34 49.34 -15.74
C ALA E 143 0.26 50.37 -16.01
N THR E 144 -0.99 49.94 -16.11
CA THR E 144 -2.11 50.82 -16.38
C THR E 144 -3.22 50.59 -15.37
N SER E 145 -3.99 51.64 -15.10
CA SER E 145 -5.13 51.54 -14.20
C SER E 145 -6.46 51.47 -14.94
N SER E 146 -6.54 52.03 -16.14
CA SER E 146 -7.77 51.99 -16.93
C SER E 146 -7.41 52.28 -18.38
N VAL E 147 -7.85 51.41 -19.29
CA VAL E 147 -7.61 51.61 -20.72
C VAL E 147 -8.94 51.52 -21.46
N PRO E 148 -9.11 52.25 -22.57
CA PRO E 148 -10.36 52.15 -23.34
C PRO E 148 -10.30 51.06 -24.40
N VAL E 149 -11.35 50.24 -24.48
CA VAL E 149 -11.42 49.15 -25.45
C VAL E 149 -12.79 49.15 -26.10
N THR E 150 -12.86 48.49 -27.26
CA THR E 150 -14.10 48.31 -28.00
C THR E 150 -14.32 46.83 -28.26
N PRO E 151 -15.58 46.39 -28.36
CA PRO E 151 -15.85 44.98 -28.62
C PRO E 151 -15.27 44.52 -29.96
N GLY E 152 -14.82 43.27 -29.99
CA GLY E 152 -14.24 42.70 -31.19
C GLY E 152 -12.76 42.95 -31.36
N GLU E 153 -12.10 43.61 -30.41
CA GLU E 153 -10.70 43.95 -30.50
C GLU E 153 -9.89 43.08 -29.54
N SER E 154 -8.57 43.25 -29.58
CA SER E 154 -7.65 42.52 -28.72
C SER E 154 -6.93 43.50 -27.80
N VAL E 155 -6.82 43.14 -26.53
CA VAL E 155 -6.25 44.01 -25.51
C VAL E 155 -5.19 43.24 -24.75
N SER E 156 -4.13 43.94 -24.33
CA SER E 156 -3.05 43.35 -23.55
C SER E 156 -2.92 44.10 -22.23
N ILE E 157 -2.83 43.35 -21.14
CA ILE E 157 -2.65 43.90 -19.79
C ILE E 157 -1.32 43.40 -19.26
N SER E 158 -0.56 44.28 -18.63
CA SER E 158 0.79 43.97 -18.16
C SER E 158 0.84 43.99 -16.64
N CYS E 159 1.65 43.10 -16.08
CA CYS E 159 1.93 43.05 -14.64
C CYS E 159 3.41 42.84 -14.44
N ARG E 160 3.96 43.47 -13.40
CA ARG E 160 5.38 43.39 -13.11
C ARG E 160 5.57 42.92 -11.68
N SER E 161 6.59 42.08 -11.48
CA SER E 161 6.88 41.51 -10.17
C SER E 161 8.17 42.11 -9.62
N SER E 162 8.20 42.29 -8.29
CA SER E 162 9.42 42.77 -7.63
C SER E 162 10.56 41.78 -7.79
N LYS E 163 10.28 40.49 -7.64
CA LYS E 163 11.26 39.44 -7.83
C LYS E 163 10.66 38.36 -8.72
N SER E 164 11.54 37.48 -9.23
CA SER E 164 11.10 36.44 -10.15
C SER E 164 10.11 35.51 -9.47
N LEU E 165 8.95 35.32 -10.11
CA LEU E 165 7.95 34.39 -9.62
C LEU E 165 8.15 32.98 -10.14
N LEU E 166 9.11 32.78 -11.04
CA LEU E 166 9.46 31.44 -11.48
C LEU E 166 10.26 30.73 -10.38
N HIS E 167 9.88 29.50 -10.10
CA HIS E 167 10.48 28.71 -9.05
C HIS E 167 11.44 27.68 -9.63
N SER E 168 12.29 27.13 -8.78
CA SER E 168 13.22 26.09 -9.19
C SER E 168 12.51 24.84 -9.67
N ASN E 169 11.29 24.60 -9.19
CA ASN E 169 10.52 23.45 -9.66
C ASN E 169 10.01 23.63 -11.08
N GLY E 170 10.08 24.83 -11.63
CA GLY E 170 9.85 25.05 -13.04
C GLY E 170 8.55 25.74 -13.42
N ASN E 171 7.76 26.22 -12.47
CA ASN E 171 6.52 26.91 -12.79
C ASN E 171 6.50 28.29 -12.15
N THR E 172 5.76 29.19 -12.77
CA THR E 172 5.64 30.57 -12.33
C THR E 172 4.33 30.75 -11.56
N TYR E 173 4.42 31.27 -10.35
CA TYR E 173 3.26 31.35 -9.46
C TYR E 173 2.61 32.73 -9.59
N LEU E 174 1.98 32.91 -10.75
CA LEU E 174 1.27 34.14 -11.08
C LEU E 174 -0.16 33.82 -11.47
N TYR E 175 -1.10 34.58 -10.93
CA TYR E 175 -2.53 34.36 -11.11
C TYR E 175 -3.18 35.62 -11.65
N TRP E 176 -4.12 35.45 -12.58
CA TRP E 176 -4.91 36.52 -13.15
C TRP E 176 -6.36 36.31 -12.76
N PHE E 177 -6.96 37.33 -12.13
CA PHE E 177 -8.37 37.33 -11.75
C PHE E 177 -9.10 38.47 -12.45
N LEU E 178 -10.40 38.30 -12.62
CA LEU E 178 -11.27 39.32 -13.19
C LEU E 178 -12.42 39.61 -12.23
N GLN E 179 -12.68 40.89 -11.98
CA GLN E 179 -13.82 41.33 -11.19
C GLN E 179 -14.71 42.18 -12.09
N ARG E 180 -15.85 41.62 -12.49
CA ARG E 180 -16.85 42.34 -13.25
C ARG E 180 -17.64 43.26 -12.32
N PRO E 181 -18.20 44.35 -12.85
CA PRO E 181 -18.87 45.33 -11.96
C PRO E 181 -20.05 44.73 -11.23
N GLY E 182 -19.92 44.67 -9.90
CA GLY E 182 -21.00 44.21 -9.05
C GLY E 182 -20.94 42.76 -8.61
N GLN E 183 -19.86 42.05 -8.93
CA GLN E 183 -19.74 40.65 -8.54
C GLN E 183 -18.32 40.38 -8.04
N SER E 184 -18.17 39.22 -7.40
CA SER E 184 -16.90 38.83 -6.81
C SER E 184 -15.87 38.49 -7.90
N PRO E 185 -14.58 38.56 -7.58
CA PRO E 185 -13.56 38.18 -8.56
C PRO E 185 -13.70 36.72 -8.98
N GLN E 186 -13.39 36.46 -10.24
CA GLN E 186 -13.48 35.13 -10.82
C GLN E 186 -12.14 34.77 -11.42
N LEU E 187 -11.66 33.56 -11.14
CA LEU E 187 -10.35 33.14 -11.60
C LEU E 187 -10.30 33.07 -13.11
N LEU E 188 -9.24 33.63 -13.69
CA LEU E 188 -9.01 33.58 -15.12
C LEU E 188 -7.83 32.68 -15.47
N ILE E 189 -6.66 32.94 -14.90
CA ILE E 189 -5.45 32.20 -15.21
C ILE E 189 -4.76 31.84 -13.91
N TYR E 190 -4.32 30.59 -13.79
CA TYR E 190 -3.53 30.16 -12.64
C TYR E 190 -2.16 29.72 -13.10
N ARG E 191 -1.10 30.14 -12.39
CA ARG E 191 0.29 29.71 -12.73
C ARG E 191 0.83 30.47 -13.95
N MET E 192 0.17 31.55 -14.37
CA MET E 192 0.62 32.42 -15.45
C MET E 192 0.28 31.89 -16.85
N SER E 193 -0.12 30.63 -16.96
CA SER E 193 -0.35 30.09 -18.29
C SER E 193 -1.58 29.20 -18.42
N ASN E 194 -2.20 28.75 -17.34
CA ASN E 194 -3.27 27.77 -17.40
C ASN E 194 -4.62 28.46 -17.35
N LEU E 195 -5.49 28.12 -18.30
CA LEU E 195 -6.83 28.68 -18.35
C LEU E 195 -7.74 27.96 -17.37
N ALA E 196 -8.53 28.73 -16.63
CA ALA E 196 -9.40 28.16 -15.61
C ALA E 196 -10.60 27.46 -16.23
N SER E 197 -11.22 26.60 -15.43
CA SER E 197 -12.39 25.86 -15.89
C SER E 197 -13.58 26.81 -16.07
N GLY E 198 -14.27 26.68 -17.20
CA GLY E 198 -15.38 27.54 -17.52
C GLY E 198 -15.01 28.88 -18.12
N VAL E 199 -13.73 29.13 -18.38
CA VAL E 199 -13.27 30.40 -18.93
C VAL E 199 -13.20 30.28 -20.44
N PRO E 200 -13.73 31.25 -21.19
CA PRO E 200 -13.66 31.17 -22.66
C PRO E 200 -12.23 31.14 -23.16
N ASP E 201 -12.03 30.44 -24.27
CA ASP E 201 -10.69 30.27 -24.84
C ASP E 201 -10.28 31.50 -25.64
N ARG E 202 -10.36 32.68 -25.02
CA ARG E 202 -9.91 33.92 -25.62
C ARG E 202 -8.86 34.63 -24.79
N PHE E 203 -8.65 34.21 -23.54
CA PHE E 203 -7.61 34.76 -22.70
C PHE E 203 -6.35 33.92 -22.81
N SER E 204 -5.20 34.57 -22.74
CA SER E 204 -3.92 33.87 -22.82
C SER E 204 -2.92 34.59 -21.92
N GLY E 205 -2.31 33.85 -21.01
CA GLY E 205 -1.28 34.39 -20.14
C GLY E 205 0.09 33.97 -20.64
N SER E 206 1.04 34.89 -20.57
CA SER E 206 2.40 34.63 -21.03
C SER E 206 3.36 35.55 -20.31
N GLY E 207 4.64 35.36 -20.56
CA GLY E 207 5.68 36.21 -20.03
C GLY E 207 6.76 35.39 -19.37
N SER E 208 7.58 36.07 -18.58
CA SER E 208 8.65 35.44 -17.82
C SER E 208 8.74 36.11 -16.47
N GLY E 209 9.73 35.71 -15.68
CA GLY E 209 9.92 36.26 -14.36
C GLY E 209 9.95 37.77 -14.35
N THR E 210 9.10 38.37 -13.51
CA THR E 210 8.97 39.81 -13.30
C THR E 210 8.30 40.54 -14.45
N ALA E 211 7.77 39.84 -15.45
CA ALA E 211 7.09 40.52 -16.55
C ALA E 211 6.06 39.58 -17.16
N PHE E 212 4.78 39.89 -16.97
CA PHE E 212 3.71 39.01 -17.41
C PHE E 212 2.67 39.80 -18.19
N THR E 213 2.09 39.16 -19.20
CA THR E 213 1.08 39.78 -20.04
C THR E 213 -0.12 38.85 -20.17
N LEU E 214 -1.31 39.42 -20.01
CA LEU E 214 -2.58 38.74 -20.25
C LEU E 214 -3.22 39.35 -21.48
N THR E 215 -3.49 38.52 -22.49
CA THR E 215 -3.99 38.97 -23.77
C THR E 215 -5.40 38.43 -24.00
N ILE E 216 -6.32 39.32 -24.35
CA ILE E 216 -7.68 38.96 -24.72
C ILE E 216 -7.85 39.23 -26.20
N SER E 217 -8.22 38.18 -26.95
CA SER E 217 -8.46 38.28 -28.37
C SER E 217 -9.96 38.16 -28.62
N ARG E 218 -10.48 39.04 -29.48
CA ARG E 218 -11.90 39.08 -29.82
C ARG E 218 -12.75 39.29 -28.56
N LEU E 219 -12.54 40.46 -27.97
CA LEU E 219 -13.27 40.82 -26.76
C LEU E 219 -14.66 41.32 -27.10
N GLU E 220 -15.54 41.30 -26.10
CA GLU E 220 -16.89 41.82 -26.26
C GLU E 220 -17.38 42.30 -24.90
N ALA E 221 -18.69 42.52 -24.80
CA ALA E 221 -19.29 42.90 -23.53
C ALA E 221 -19.12 41.79 -22.51
N GLU E 222 -19.42 42.12 -21.25
CA GLU E 222 -19.26 41.27 -20.06
C GLU E 222 -17.80 41.03 -19.71
N ASP E 223 -16.85 41.50 -20.53
CA ASP E 223 -15.43 41.43 -20.21
C ASP E 223 -14.91 42.67 -19.50
N VAL E 224 -15.70 43.76 -19.49
CA VAL E 224 -15.28 44.97 -18.82
C VAL E 224 -15.24 44.75 -17.31
N GLY E 225 -14.29 45.37 -16.66
CA GLY E 225 -14.08 45.16 -15.24
C GLY E 225 -12.62 45.33 -14.90
N VAL E 226 -12.28 45.00 -13.67
CA VAL E 226 -10.92 45.20 -13.16
C VAL E 226 -10.20 43.86 -13.16
N TYR E 227 -9.05 43.82 -13.83
CA TYR E 227 -8.20 42.64 -13.87
C TYR E 227 -7.09 42.81 -12.84
N TYR E 228 -6.85 41.75 -12.06
CA TYR E 228 -5.87 41.75 -10.99
C TYR E 228 -4.83 40.67 -11.25
N CYS E 229 -3.57 40.98 -10.92
CA CYS E 229 -2.49 40.00 -10.96
C CYS E 229 -2.01 39.77 -9.52
N MET E 230 -1.91 38.49 -9.14
CA MET E 230 -1.53 38.08 -7.81
C MET E 230 -0.38 37.10 -7.91
N GLN E 231 0.49 37.11 -6.90
CA GLN E 231 1.55 36.12 -6.81
C GLN E 231 1.20 35.09 -5.75
N HIS E 232 1.57 33.84 -6.00
CA HIS E 232 1.50 32.79 -5.00
C HIS E 232 2.86 32.15 -4.76
N LEU E 233 3.95 32.88 -5.01
CA LEU E 233 5.27 32.32 -4.77
C LEU E 233 5.51 32.09 -3.28
N GLU E 234 5.10 33.03 -2.45
CA GLU E 234 5.33 32.94 -1.02
C GLU E 234 4.28 33.78 -0.29
N TYR E 235 4.18 33.55 1.00
CA TYR E 235 3.27 34.38 1.80
C TYR E 235 4.04 35.57 2.39
N PRO E 236 3.41 36.73 2.48
CA PRO E 236 2.01 37.03 2.18
C PRO E 236 1.71 37.12 0.69
N LEU E 237 0.57 36.60 0.27
CA LEU E 237 0.15 36.70 -1.12
C LEU E 237 -0.17 38.14 -1.46
N THR E 238 0.32 38.61 -2.60
CA THR E 238 0.25 40.01 -2.96
C THR E 238 -0.49 40.17 -4.27
N PHE E 239 -1.41 41.13 -4.31
CA PHE E 239 -2.18 41.45 -5.51
C PHE E 239 -1.58 42.65 -6.22
N GLY E 240 -2.04 42.86 -7.46
CA GLY E 240 -1.69 44.05 -8.19
C GLY E 240 -2.64 45.21 -7.91
N ALA E 241 -2.31 46.37 -8.47
CA ALA E 241 -3.15 47.55 -8.28
C ALA E 241 -4.51 47.36 -8.93
N GLY E 242 -4.56 46.73 -10.10
CA GLY E 242 -5.80 46.52 -10.81
C GLY E 242 -5.91 47.38 -12.06
N THR E 243 -6.10 46.74 -13.21
CA THR E 243 -6.24 47.45 -14.48
C THR E 243 -7.68 47.34 -14.96
N LYS E 244 -8.32 48.48 -15.22
CA LYS E 244 -9.73 48.53 -15.54
C LYS E 244 -9.93 48.57 -17.04
N LEU E 245 -10.84 47.74 -17.54
CA LEU E 245 -11.24 47.73 -18.94
C LEU E 245 -12.68 48.22 -19.02
N GLU E 246 -12.90 49.25 -19.84
CA GLU E 246 -14.21 49.86 -20.03
C GLU E 246 -14.43 50.12 -21.50
N LEU E 247 -15.69 50.31 -21.88
CA LEU E 247 -16.06 50.53 -23.27
C LEU E 247 -15.42 51.81 -23.82
N1 A1D9A F . 24.67 2.05 40.82
N3 A1D9A F . 24.34 -3.77 43.51
C4 A1D9A F . 28.22 1.40 37.61
C5 A1D9A F . 27.13 1.29 36.75
C6 A1D9A F . 29.72 1.47 37.23
C7 A1D9A F . 30.01 2.73 36.41
C8 A1D9A F . 30.29 3.92 37.06
C10 A1D9A F . 30.53 5.02 34.94
C13 A1D9A F . 30.22 0.21 36.52
C15 A1D9A F . 31.93 -1.45 36.23
C17 A1D9A F . 29.92 -1.57 34.92
C20 A1D9A F . 23.52 2.03 41.74
C21 A1D9A F . 23.77 1.07 42.92
C22 A1D9A F . 25.12 0.32 42.83
C24 A1D9A F . 23.42 -2.84 43.74
CL1 A1D9A F . 30.87 6.49 34.00
CL2 A1D9A F . 31.78 -3.54 34.47
C1 A1D9A F . 24.61 1.12 36.58
O1 A1D9A F . 23.76 0.56 39.51
S1 A1D9A F . 27.57 1.44 39.21
C2 A1D9A F . 25.89 1.23 37.37
N2 A1D9A F . 23.67 -1.61 43.48
O2 A1D9A F . 22.54 3.58 43.29
C3 A1D9A F . 25.90 1.31 38.76
O3 A1D9A F . 23.81 4.41 41.73
N4 A1D9A F . 22.23 -3.18 44.22
C9 A1D9A F . 30.55 5.06 36.32
C11 A1D9A F . 30.25 3.83 34.29
C12 A1D9A F . 29.99 2.69 35.03
C14 A1D9A F . 31.45 -0.31 36.86
C16 A1D9A F . 31.17 -2.09 35.27
C18 A1D9A F . 29.45 -0.43 35.56
C19 A1D9A F . 24.68 1.27 39.73
C23 A1D9A F . 24.98 -1.22 42.94
C25 A1D9A F . 23.28 3.43 42.28
#